data_6Q39
#
_entry.id   6Q39
#
_cell.length_a   128.303
_cell.length_b   128.303
_cell.length_c   159.155
_cell.angle_alpha   90.000
_cell.angle_beta   90.000
_cell.angle_gamma   90.000
#
_symmetry.space_group_name_H-M   'P 42 21 2'
#
loop_
_entity.id
_entity.type
_entity.pdbx_description
1 polymer 'Arginase-2, mitochondrial'
2 non-polymer 'MANGANESE (II) ION'
3 non-polymer BENZAMIDINE
4 non-polymer BETA-MERCAPTOETHANOL
5 non-polymer 3-[(3~{S},4~{R})-4-azanyl-4-carboxy-1-[[(2~{S})-piperidin-2-yl]methyl]pyrrolidin-3-yl]propyl-tris(oxidanyl)boranuide
6 water water
#
_entity_poly.entity_id   1
_entity_poly.type   'polypeptide(L)'
_entity_poly.pdbx_seq_one_letter_code
;HSVAVIGAPFSQGQKRKGVEHGPAAIREAGLMKRLSSLGCHLKDFGDLSFTPVPKDDLYNNLIVNPRSVGLANQELAEVV
SRAVSDGYSCVTLGGDHSLAIGTISGHARHCPDLCVVWVDAHADINTPLTTSSGNLHGQPVSFLLRELQDKVPQLPGFSW
IKPCISSASIVYIGLRDVDPPEHFILKNYDIQYFSMRDIDRLGIQKVMERTFDLLIGKRQRPIHLSFDIDAFDPTLAPAT
GTPVVGGLTYREGMYIAEEIHNTGLLSALDLVEVNPQLATSEEEAKTTANLAVDVIASSFGQTREG
;
_entity_poly.pdbx_strand_id   A,B,C
#
# COMPACT_ATOMS: atom_id res chain seq x y z
N HIS A 1 -5.54 33.83 2.56
CA HIS A 1 -6.30 33.91 1.32
C HIS A 1 -5.41 34.14 0.10
N SER A 2 -4.16 34.55 0.30
CA SER A 2 -3.25 34.91 -0.78
C SER A 2 -2.04 33.98 -0.82
N VAL A 3 -1.64 33.58 -2.01
CA VAL A 3 -0.56 32.63 -2.23
C VAL A 3 0.36 33.19 -3.30
N ALA A 4 1.65 33.26 -3.00
CA ALA A 4 2.68 33.57 -3.99
C ALA A 4 3.31 32.27 -4.47
N VAL A 5 3.58 32.20 -5.77
CA VAL A 5 4.24 31.05 -6.38
C VAL A 5 5.57 31.51 -6.95
N ILE A 6 6.66 30.89 -6.49
CA ILE A 6 8.01 31.23 -6.94
C ILE A 6 8.64 29.98 -7.53
N GLY A 7 9.04 30.07 -8.80
CA GLY A 7 9.85 29.01 -9.39
C GLY A 7 11.31 29.23 -9.07
N ALA A 8 11.96 28.24 -8.47
CA ALA A 8 13.39 28.29 -8.14
C ALA A 8 14.08 27.18 -8.93
N PRO A 9 14.34 27.41 -10.22
CA PRO A 9 14.90 26.32 -11.06
C PRO A 9 16.39 26.09 -10.81
N PHE A 10 16.72 25.64 -9.60
CA PHE A 10 18.11 25.45 -9.22
C PHE A 10 18.51 23.99 -9.24
N SER A 11 19.73 23.73 -9.72
CA SER A 11 20.26 22.38 -9.80
C SER A 11 21.65 22.24 -9.18
N GLN A 12 22.27 23.34 -8.74
CA GLN A 12 23.67 23.24 -8.35
C GLN A 12 23.87 22.76 -6.92
N GLY A 13 22.78 22.44 -6.20
CA GLY A 13 22.92 21.72 -4.95
C GLY A 13 23.28 20.24 -5.12
N GLN A 14 23.27 19.73 -6.35
CA GLN A 14 23.55 18.32 -6.64
C GLN A 14 24.14 18.24 -8.04
N LYS A 15 24.31 17.01 -8.55
CA LYS A 15 25.08 16.80 -9.77
C LYS A 15 24.26 16.27 -10.94
N ARG A 16 22.99 15.91 -10.74
CA ARG A 16 22.17 15.37 -11.81
C ARG A 16 21.43 16.48 -12.55
N LYS A 17 21.52 16.46 -13.87
CA LYS A 17 20.89 17.48 -14.69
C LYS A 17 19.38 17.26 -14.75
N GLY A 18 18.64 18.38 -14.81
CA GLY A 18 17.21 18.34 -15.13
C GLY A 18 16.29 18.78 -14.02
N VAL A 19 16.73 18.75 -12.76
CA VAL A 19 15.87 19.17 -11.67
C VAL A 19 15.52 20.65 -11.82
N GLU A 20 16.30 21.41 -12.58
CA GLU A 20 15.93 22.79 -12.84
C GLU A 20 14.68 22.91 -13.70
N HIS A 21 14.15 21.80 -14.24
CA HIS A 21 12.90 21.83 -14.97
C HIS A 21 11.71 21.42 -14.11
N GLY A 22 11.92 21.16 -12.82
CA GLY A 22 10.84 20.93 -11.88
C GLY A 22 9.74 21.98 -11.91
N PRO A 23 10.09 23.27 -11.78
CA PRO A 23 9.03 24.30 -11.73
C PRO A 23 8.13 24.29 -12.96
N ALA A 24 8.72 24.25 -14.16
CA ALA A 24 7.90 24.22 -15.36
C ALA A 24 7.02 22.98 -15.40
N ALA A 25 7.57 21.83 -15.00
CA ALA A 25 6.79 20.60 -15.01
C ALA A 25 5.61 20.68 -14.05
N ILE A 26 5.82 21.27 -12.88
CA ILE A 26 4.73 21.37 -11.91
C ILE A 26 3.67 22.34 -12.40
N ARG A 27 4.10 23.47 -12.98
CA ARG A 27 3.14 24.41 -13.56
C ARG A 27 2.34 23.77 -14.70
N GLU A 28 3.00 22.98 -15.56
CA GLU A 28 2.32 22.33 -16.68
CA GLU A 28 2.29 22.38 -16.68
C GLU A 28 1.27 21.36 -16.20
N ALA A 29 1.47 20.75 -15.02
CA ALA A 29 0.47 19.86 -14.44
C ALA A 29 -0.71 20.61 -13.80
N GLY A 30 -0.86 21.92 -14.03
CA GLY A 30 -2.07 22.62 -13.63
C GLY A 30 -2.09 23.25 -12.26
N LEU A 31 -0.93 23.60 -11.71
CA LEU A 31 -0.86 24.09 -10.33
C LEU A 31 -1.74 25.33 -10.12
N MET A 32 -1.62 26.33 -10.99
CA MET A 32 -2.26 27.61 -10.70
C MET A 32 -3.78 27.50 -10.70
N LYS A 33 -4.36 26.81 -11.69
CA LYS A 33 -5.81 26.61 -11.71
C LYS A 33 -6.30 25.87 -10.45
N ARG A 34 -5.57 24.85 -10.03
CA ARG A 34 -5.95 24.13 -8.82
C ARG A 34 -5.93 25.05 -7.60
N LEU A 35 -4.92 25.90 -7.48
CA LEU A 35 -4.88 26.83 -6.35
C LEU A 35 -5.99 27.86 -6.45
N SER A 36 -6.26 28.38 -7.66
CA SER A 36 -7.34 29.34 -7.84
CA SER A 36 -7.34 29.34 -7.83
C SER A 36 -8.67 28.73 -7.40
N SER A 37 -8.95 27.51 -7.86
CA SER A 37 -10.23 26.87 -7.55
CA SER A 37 -10.23 26.87 -7.55
C SER A 37 -10.47 26.77 -6.04
N LEU A 38 -9.39 26.74 -5.25
CA LEU A 38 -9.53 26.69 -3.80
C LEU A 38 -9.87 28.06 -3.22
N GLY A 39 -9.87 29.10 -4.04
CA GLY A 39 -10.05 30.45 -3.54
C GLY A 39 -8.77 31.18 -3.23
N CYS A 40 -7.61 30.63 -3.61
CA CYS A 40 -6.36 31.35 -3.44
C CYS A 40 -6.27 32.50 -4.41
N HIS A 41 -6.06 33.70 -3.89
CA HIS A 41 -5.63 34.84 -4.67
C HIS A 41 -4.14 34.69 -4.96
N LEU A 42 -3.76 34.74 -6.23
CA LEU A 42 -2.46 34.28 -6.68
C LEU A 42 -1.60 35.43 -7.16
N LYS A 43 -0.33 35.39 -6.75
CA LYS A 43 0.73 36.19 -7.37
C LYS A 43 1.79 35.21 -7.87
N ASP A 44 2.07 35.24 -9.16
CA ASP A 44 3.06 34.38 -9.75
C ASP A 44 4.31 35.21 -10.03
N PHE A 45 5.39 34.92 -9.29
CA PHE A 45 6.68 35.55 -9.53
C PHE A 45 7.44 34.94 -10.70
N GLY A 46 6.85 34.00 -11.44
CA GLY A 46 7.60 33.30 -12.47
C GLY A 46 8.78 32.51 -11.90
N ASP A 47 9.65 32.09 -12.82
CA ASP A 47 10.91 31.42 -12.45
C ASP A 47 12.02 32.46 -12.30
N LEU A 48 12.68 32.45 -11.15
CA LEU A 48 13.79 33.36 -10.94
C LEU A 48 14.98 32.96 -11.81
N SER A 49 15.75 33.95 -12.25
CA SER A 49 17.07 33.75 -12.85
C SER A 49 18.10 34.16 -11.81
N PHE A 50 18.95 33.23 -11.41
CA PHE A 50 19.90 33.50 -10.35
C PHE A 50 21.21 34.00 -10.92
N THR A 51 21.86 34.88 -10.18
CA THR A 51 23.11 35.44 -10.66
C THR A 51 24.20 34.37 -10.64
N PRO A 52 24.92 34.16 -11.74
CA PRO A 52 26.06 33.24 -11.72
C PRO A 52 27.23 33.84 -10.96
N VAL A 53 28.09 32.95 -10.46
CA VAL A 53 29.32 33.33 -9.79
C VAL A 53 30.51 32.81 -10.60
N PRO A 54 31.41 33.66 -11.08
CA PRO A 54 32.58 33.17 -11.83
C PRO A 54 33.49 32.33 -10.96
N LYS A 55 34.11 31.33 -11.59
CA LYS A 55 35.15 30.52 -10.95
C LYS A 55 34.70 30.01 -9.57
N ASP A 56 33.54 29.37 -9.54
CA ASP A 56 32.99 28.87 -8.28
C ASP A 56 33.60 27.50 -7.98
N ASP A 57 34.89 27.54 -7.60
CA ASP A 57 35.63 26.30 -7.38
C ASP A 57 35.07 25.54 -6.18
N LEU A 58 35.27 24.22 -6.20
CA LEU A 58 34.95 23.38 -5.04
C LEU A 58 35.47 24.02 -3.75
N TYR A 59 34.70 23.87 -2.69
CA TYR A 59 35.18 24.24 -1.36
C TYR A 59 35.83 23.02 -0.71
N ASN A 60 37.05 23.19 -0.21
CA ASN A 60 37.77 22.12 0.47
C ASN A 60 37.88 20.86 -0.40
N ASN A 61 38.01 21.04 -1.72
CA ASN A 61 38.14 19.92 -2.65
C ASN A 61 37.01 18.90 -2.46
N LEU A 62 35.80 19.38 -2.16
CA LEU A 62 34.69 18.47 -1.96
C LEU A 62 33.32 19.08 -2.24
N ILE A 63 33.01 20.23 -1.64
CA ILE A 63 31.68 20.82 -1.71
C ILE A 63 31.55 21.55 -3.05
N VAL A 64 30.55 21.19 -3.83
CA VAL A 64 30.42 21.67 -5.21
C VAL A 64 29.53 22.90 -5.26
N ASN A 65 29.91 23.85 -6.12
CA ASN A 65 29.15 25.06 -6.39
C ASN A 65 28.79 25.87 -5.14
N PRO A 66 29.72 26.06 -4.20
CA PRO A 66 29.33 26.71 -2.94
C PRO A 66 28.82 28.14 -3.11
N ARG A 67 29.52 28.98 -3.87
CA ARG A 67 29.09 30.38 -4.00
C ARG A 67 27.82 30.52 -4.84
N SER A 68 27.68 29.71 -5.89
CA SER A 68 26.46 29.75 -6.69
C SER A 68 25.24 29.38 -5.85
N VAL A 69 25.37 28.34 -5.02
CA VAL A 69 24.29 27.95 -4.13
C VAL A 69 24.04 29.02 -3.08
N GLY A 70 25.11 29.59 -2.51
CA GLY A 70 24.95 30.66 -1.54
C GLY A 70 24.24 31.87 -2.12
N LEU A 71 24.73 32.36 -3.26
CA LEU A 71 24.14 33.57 -3.85
C LEU A 71 22.71 33.32 -4.30
N ALA A 72 22.45 32.18 -4.96
CA ALA A 72 21.09 31.91 -5.42
C ALA A 72 20.12 31.88 -4.24
N ASN A 73 20.55 31.33 -3.11
CA ASN A 73 19.69 31.30 -1.93
C ASN A 73 19.56 32.68 -1.30
N GLN A 74 20.62 33.49 -1.36
CA GLN A 74 20.48 34.87 -0.90
C GLN A 74 19.43 35.62 -1.73
N GLU A 75 19.47 35.45 -3.05
CA GLU A 75 18.49 36.10 -3.91
C GLU A 75 17.10 35.54 -3.66
N LEU A 76 16.97 34.23 -3.50
CA LEU A 76 15.66 33.63 -3.25
C LEU A 76 15.08 34.08 -1.91
N ALA A 77 15.91 34.11 -0.86
CA ALA A 77 15.49 34.60 0.45
C ALA A 77 14.88 35.99 0.36
N GLU A 78 15.48 36.85 -0.47
N GLU A 78 15.45 36.86 -0.47
CA GLU A 78 14.98 38.21 -0.63
CA GLU A 78 14.91 38.21 -0.54
C GLU A 78 13.58 38.21 -1.23
C GLU A 78 13.55 38.23 -1.24
N VAL A 79 13.36 37.39 -2.26
CA VAL A 79 12.04 37.30 -2.88
C VAL A 79 11.03 36.71 -1.90
N VAL A 80 11.42 35.66 -1.15
CA VAL A 80 10.49 35.04 -0.20
C VAL A 80 10.14 36.02 0.91
N SER A 81 11.14 36.75 1.42
CA SER A 81 10.89 37.70 2.50
C SER A 81 9.88 38.77 2.08
N ARG A 82 10.03 39.30 0.86
CA ARG A 82 9.10 40.32 0.40
C ARG A 82 7.70 39.75 0.26
N ALA A 83 7.58 38.58 -0.34
CA ALA A 83 6.26 37.98 -0.53
C ALA A 83 5.58 37.71 0.81
N VAL A 84 6.30 37.13 1.75
CA VAL A 84 5.71 36.87 3.07
C VAL A 84 5.36 38.19 3.75
N SER A 85 6.23 39.21 3.60
CA SER A 85 5.95 40.51 4.20
C SER A 85 4.69 41.14 3.64
N ASP A 86 4.36 40.85 2.38
CA ASP A 86 3.19 41.45 1.75
C ASP A 86 1.92 40.63 1.94
N GLY A 87 1.92 39.64 2.82
CA GLY A 87 0.71 38.88 3.15
C GLY A 87 0.52 37.55 2.45
N TYR A 88 1.47 37.11 1.62
CA TYR A 88 1.31 35.86 0.90
C TYR A 88 1.88 34.68 1.67
N SER A 89 1.14 33.58 1.67
CA SER A 89 1.74 32.27 1.85
C SER A 89 2.57 31.96 0.62
N CYS A 90 3.80 31.50 0.85
N CYS A 90 3.83 31.56 0.83
CA CYS A 90 4.78 31.38 -0.20
CA CYS A 90 4.78 31.42 -0.27
C CYS A 90 4.98 29.93 -0.62
C CYS A 90 4.98 29.95 -0.65
N VAL A 91 4.69 29.62 -1.90
CA VAL A 91 4.94 28.31 -2.46
C VAL A 91 6.17 28.42 -3.35
N THR A 92 7.22 27.66 -3.04
CA THR A 92 8.42 27.66 -3.86
C THR A 92 8.59 26.31 -4.52
N LEU A 93 8.71 26.31 -5.85
CA LEU A 93 8.86 25.10 -6.64
CA LEU A 93 8.86 25.10 -6.64
C LEU A 93 10.33 24.87 -6.98
N GLY A 94 10.86 23.69 -6.61
CA GLY A 94 12.23 23.36 -6.95
C GLY A 94 12.33 22.58 -8.26
N GLY A 95 13.57 22.33 -8.71
CA GLY A 95 14.80 22.74 -8.03
C GLY A 95 15.20 21.76 -6.95
N ASP A 96 16.49 21.68 -6.62
CA ASP A 96 16.97 20.75 -5.60
C ASP A 96 16.79 21.35 -4.20
N HIS A 97 16.91 20.51 -3.18
CA HIS A 97 16.51 20.90 -1.84
C HIS A 97 17.43 21.93 -1.18
N SER A 98 18.56 22.30 -1.82
CA SER A 98 19.38 23.35 -1.22
C SER A 98 18.65 24.70 -1.22
N LEU A 99 17.59 24.84 -2.01
CA LEU A 99 16.82 26.07 -2.02
C LEU A 99 16.11 26.32 -0.69
N ALA A 100 15.92 25.29 0.14
CA ALA A 100 15.30 25.51 1.45
C ALA A 100 16.17 26.40 2.34
N ILE A 101 17.48 26.48 2.09
CA ILE A 101 18.30 27.49 2.76
C ILE A 101 17.73 28.86 2.51
N GLY A 102 17.42 29.17 1.25
CA GLY A 102 16.87 30.47 0.91
C GLY A 102 15.44 30.66 1.37
N THR A 103 14.57 29.66 1.17
CA THR A 103 13.17 29.89 1.50
C THR A 103 12.95 29.96 3.00
N ILE A 104 13.68 29.17 3.78
CA ILE A 104 13.51 29.23 5.22
C ILE A 104 14.18 30.46 5.81
N SER A 105 15.36 30.83 5.31
CA SER A 105 15.98 32.09 5.76
C SER A 105 15.08 33.27 5.44
N GLY A 106 14.50 33.30 4.22
CA GLY A 106 13.64 34.42 3.85
C GLY A 106 12.35 34.45 4.64
N HIS A 107 11.75 33.26 4.83
CA HIS A 107 10.57 33.13 5.69
C HIS A 107 10.88 33.59 7.11
N ALA A 108 11.97 33.10 7.70
CA ALA A 108 12.30 33.48 9.08
C ALA A 108 12.57 34.98 9.18
N ARG A 109 13.06 35.58 8.10
CA ARG A 109 13.37 37.01 8.12
C ARG A 109 12.13 37.84 8.44
N HIS A 110 10.94 37.34 8.07
CA HIS A 110 9.71 38.03 8.44
C HIS A 110 8.94 37.36 9.57
N CYS A 111 9.13 36.06 9.78
CA CYS A 111 8.38 35.30 10.78
C CYS A 111 9.37 34.49 11.62
N PRO A 112 10.09 35.15 12.54
CA PRO A 112 11.19 34.47 13.26
C PRO A 112 10.75 33.32 14.17
N ASP A 113 9.50 33.26 14.61
CA ASP A 113 9.08 32.13 15.44
C ASP A 113 8.50 30.97 14.61
N LEU A 114 8.85 30.87 13.32
CA LEU A 114 8.34 29.78 12.50
C LEU A 114 8.84 28.42 13.00
N CYS A 115 8.12 27.38 12.63
CA CYS A 115 8.56 26.02 12.83
C CYS A 115 8.52 25.30 11.49
N VAL A 116 9.19 24.16 11.41
CA VAL A 116 9.47 23.51 10.13
C VAL A 116 9.03 22.05 10.17
N VAL A 117 8.25 21.64 9.17
CA VAL A 117 7.91 20.24 8.97
C VAL A 117 8.63 19.80 7.71
N TRP A 118 9.54 18.82 7.83
CA TRP A 118 10.46 18.43 6.77
C TRP A 118 10.12 17.01 6.33
N VAL A 119 9.49 16.89 5.16
CA VAL A 119 8.96 15.62 4.68
C VAL A 119 9.90 15.12 3.60
N ASP A 120 10.50 13.96 3.84
CA ASP A 120 11.70 13.63 3.08
C ASP A 120 12.08 12.20 3.43
N ALA A 121 12.64 11.48 2.45
CA ALA A 121 13.29 10.22 2.76
C ALA A 121 14.63 10.45 3.45
N HIS A 122 15.15 11.67 3.39
CA HIS A 122 16.49 12.01 3.87
C HIS A 122 16.40 13.12 4.91
N ALA A 123 17.43 13.16 5.77
CA ALA A 123 17.49 14.18 6.81
C ALA A 123 18.14 15.48 6.32
N ASP A 124 18.95 15.44 5.26
CA ASP A 124 19.48 16.67 4.67
C ASP A 124 20.22 17.52 5.71
N ILE A 125 20.90 16.87 6.66
CA ILE A 125 21.45 17.58 7.81
C ILE A 125 22.94 17.30 7.94
N ASN A 126 23.55 16.70 6.91
CA ASN A 126 25.00 16.69 6.87
C ASN A 126 25.52 18.11 6.96
N THR A 127 26.69 18.27 7.56
CA THR A 127 27.45 19.50 7.53
C THR A 127 28.55 19.39 6.49
N PRO A 128 29.24 20.50 6.21
CA PRO A 128 30.41 20.42 5.31
C PRO A 128 31.50 19.48 5.80
N LEU A 129 31.51 19.12 7.09
CA LEU A 129 32.50 18.18 7.61
C LEU A 129 32.01 16.74 7.64
N THR A 130 30.72 16.48 7.43
CA THR A 130 30.24 15.11 7.42
C THR A 130 29.77 14.62 6.06
N THR A 131 29.45 15.52 5.14
CA THR A 131 28.97 15.11 3.83
C THR A 131 29.99 14.20 3.15
N SER A 132 29.50 13.11 2.56
CA SER A 132 30.37 12.25 1.78
C SER A 132 30.15 12.42 0.29
N SER A 133 29.16 13.21 -0.10
CA SER A 133 28.85 13.49 -1.49
C SER A 133 29.34 14.85 -1.93
N GLY A 134 29.42 15.83 -1.01
CA GLY A 134 29.72 17.20 -1.37
C GLY A 134 28.54 17.98 -1.92
N ASN A 135 27.35 17.39 -1.98
CA ASN A 135 26.19 18.05 -2.58
C ASN A 135 25.43 18.81 -1.51
N LEU A 136 25.25 20.11 -1.73
CA LEU A 136 24.62 20.95 -0.73
C LEU A 136 23.13 20.66 -0.52
N HIS A 137 22.44 20.00 -1.48
CA HIS A 137 21.04 19.63 -1.21
C HIS A 137 20.91 18.62 -0.09
N GLY A 138 22.02 17.98 0.30
CA GLY A 138 22.04 17.05 1.41
C GLY A 138 22.53 17.68 2.70
N GLN A 139 22.72 19.00 2.72
CA GLN A 139 23.19 19.68 3.90
C GLN A 139 22.34 20.87 4.36
N PRO A 140 21.19 21.21 3.74
CA PRO A 140 20.64 22.55 4.00
C PRO A 140 20.29 22.78 5.45
N VAL A 141 19.81 21.75 6.16
CA VAL A 141 19.37 21.95 7.53
C VAL A 141 20.53 22.35 8.42
N SER A 142 21.74 21.89 8.11
CA SER A 142 22.87 22.21 8.97
C SER A 142 23.15 23.71 9.01
N PHE A 143 22.79 24.42 7.96
CA PHE A 143 23.06 25.85 7.91
C PHE A 143 22.01 26.66 8.65
N LEU A 144 20.91 26.03 9.06
CA LEU A 144 19.76 26.74 9.59
C LEU A 144 19.58 26.57 11.08
N LEU A 145 20.15 25.53 11.67
CA LEU A 145 19.88 25.18 13.05
C LEU A 145 20.91 25.84 13.96
N ARG A 146 20.42 26.67 14.89
CA ARG A 146 21.25 27.43 15.81
C ARG A 146 22.25 26.55 16.55
N GLU A 147 21.78 25.43 17.11
CA GLU A 147 22.63 24.62 17.99
C GLU A 147 23.80 23.97 17.26
N LEU A 148 23.76 23.89 15.94
CA LEU A 148 24.80 23.17 15.21
C LEU A 148 25.97 24.05 14.79
N GLN A 149 25.91 25.36 15.05
CA GLN A 149 26.69 26.28 14.23
C GLN A 149 28.17 26.23 14.54
N ASP A 150 28.54 25.86 15.77
CA ASP A 150 29.95 25.67 16.10
C ASP A 150 30.58 24.51 15.35
N LYS A 151 29.77 23.62 14.76
CA LYS A 151 30.28 22.50 13.99
C LYS A 151 30.15 22.72 12.50
N VAL A 152 29.78 23.93 12.08
CA VAL A 152 29.52 24.20 10.68
C VAL A 152 30.49 25.28 10.22
N PRO A 153 31.51 24.95 9.43
CA PRO A 153 32.42 25.97 8.92
C PRO A 153 31.69 26.93 8.00
N GLN A 154 32.29 28.10 7.80
CA GLN A 154 31.70 29.12 6.93
C GLN A 154 32.15 28.89 5.50
N LEU A 155 31.21 28.74 4.63
CA LEU A 155 31.48 28.51 3.23
C LEU A 155 31.47 29.82 2.45
N PRO A 156 32.24 29.91 1.37
CA PRO A 156 32.16 31.10 0.51
C PRO A 156 30.76 31.27 -0.05
N GLY A 157 30.22 32.48 0.10
CA GLY A 157 28.87 32.79 -0.31
C GLY A 157 27.81 32.59 0.74
N PHE A 158 28.16 32.06 1.93
CA PHE A 158 27.19 31.72 2.96
C PHE A 158 27.17 32.71 4.13
N SER A 159 28.05 33.71 4.15
CA SER A 159 28.19 34.57 5.32
C SER A 159 26.92 35.35 5.63
N TRP A 160 26.07 35.60 4.63
CA TRP A 160 24.81 36.29 4.88
C TRP A 160 23.83 35.49 5.74
N ILE A 161 24.06 34.20 5.94
CA ILE A 161 23.05 33.35 6.57
C ILE A 161 23.06 33.56 8.07
N LYS A 162 21.90 33.86 8.65
CA LYS A 162 21.82 33.96 10.10
C LYS A 162 20.99 32.80 10.66
N PRO A 163 21.61 31.74 11.10
CA PRO A 163 20.87 30.55 11.53
C PRO A 163 20.29 30.67 12.94
N CYS A 164 19.05 31.13 13.07
CA CYS A 164 18.49 31.31 14.41
C CYS A 164 17.33 30.36 14.74
N ILE A 165 16.96 29.43 13.84
CA ILE A 165 15.94 28.43 14.15
C ILE A 165 16.51 27.38 15.10
N SER A 166 15.73 26.99 16.09
CA SER A 166 16.18 26.02 17.07
CA SER A 166 16.18 26.02 17.07
C SER A 166 15.94 24.59 16.58
N SER A 167 16.78 23.68 17.05
CA SER A 167 16.63 22.27 16.72
C SER A 167 15.33 21.70 17.25
N ALA A 168 14.71 22.36 18.23
CA ALA A 168 13.40 21.93 18.71
C ALA A 168 12.28 22.39 17.81
N SER A 169 12.57 23.15 16.76
CA SER A 169 11.54 23.71 15.90
C SER A 169 11.42 23.04 14.54
N ILE A 170 12.05 21.88 14.35
CA ILE A 170 11.91 21.12 13.10
C ILE A 170 11.54 19.69 13.45
N VAL A 171 10.58 19.13 12.71
CA VAL A 171 10.21 17.72 12.82
C VAL A 171 10.30 17.11 11.43
N TYR A 172 10.91 15.93 11.34
CA TYR A 172 11.02 15.18 10.10
C TYR A 172 9.94 14.13 10.02
N ILE A 173 9.41 13.91 8.82
CA ILE A 173 8.49 12.82 8.55
C ILE A 173 8.94 12.11 7.27
N GLY A 174 9.21 10.80 7.39
CA GLY A 174 9.39 9.96 6.22
C GLY A 174 10.76 9.36 6.06
N LEU A 175 11.63 9.53 7.07
CA LEU A 175 13.05 9.24 6.90
C LEU A 175 13.28 7.76 6.68
N ARG A 176 14.20 7.44 5.76
CA ARG A 176 14.55 6.04 5.56
C ARG A 176 15.93 5.85 4.91
N ASP A 177 16.69 6.94 4.68
CA ASP A 177 18.04 6.80 4.10
C ASP A 177 18.94 7.87 4.75
N VAL A 178 19.43 7.56 5.95
CA VAL A 178 20.09 8.51 6.82
C VAL A 178 21.56 8.09 6.97
N ASP A 179 22.47 9.03 6.73
CA ASP A 179 23.88 8.75 6.93
C ASP A 179 24.19 8.62 8.42
N PRO A 180 25.19 7.82 8.79
CA PRO A 180 25.55 7.66 10.21
C PRO A 180 25.87 8.99 10.89
N PRO A 181 26.63 9.90 10.27
CA PRO A 181 26.82 11.22 10.93
C PRO A 181 25.52 12.01 11.07
N GLU A 182 24.59 11.87 10.12
CA GLU A 182 23.29 12.52 10.30
C GLU A 182 22.53 11.90 11.46
N HIS A 183 22.59 10.57 11.59
CA HIS A 183 21.94 9.94 12.73
C HIS A 183 22.53 10.44 14.04
N PHE A 184 23.86 10.59 14.09
CA PHE A 184 24.48 11.11 15.30
C PHE A 184 23.98 12.51 15.62
N ILE A 185 23.94 13.38 14.60
CA ILE A 185 23.44 14.73 14.81
C ILE A 185 22.01 14.70 15.33
N LEU A 186 21.15 13.89 14.72
CA LEU A 186 19.75 13.88 15.13
C LEU A 186 19.61 13.48 16.60
N LYS A 187 20.36 12.45 17.01
CA LYS A 187 20.34 12.00 18.40
C LYS A 187 21.02 13.02 19.32
N ASN A 188 22.23 13.45 18.98
CA ASN A 188 22.98 14.35 19.86
C ASN A 188 22.26 15.67 20.11
N TYR A 189 21.45 16.14 19.16
CA TYR A 189 20.74 17.41 19.36
C TYR A 189 19.27 17.21 19.69
N ASP A 190 18.84 15.97 19.94
CA ASP A 190 17.46 15.68 20.30
C ASP A 190 16.47 16.23 19.26
N ILE A 191 16.82 16.08 17.98
CA ILE A 191 15.92 16.50 16.90
C ILE A 191 14.90 15.40 16.67
N GLN A 192 13.63 15.78 16.62
CA GLN A 192 12.54 14.80 16.55
C GLN A 192 12.22 14.41 15.12
N TYR A 193 12.00 13.12 14.90
CA TYR A 193 11.71 12.64 13.55
C TYR A 193 10.79 11.44 13.63
N PHE A 194 9.97 11.29 12.61
CA PHE A 194 9.17 10.09 12.42
C PHE A 194 9.67 9.40 11.16
N SER A 195 10.44 8.33 11.33
CA SER A 195 10.91 7.58 10.20
C SER A 195 9.76 6.74 9.63
N MET A 196 10.00 6.11 8.46
CA MET A 196 9.00 5.20 7.91
C MET A 196 8.61 4.12 8.91
N ARG A 197 9.57 3.68 9.73
CA ARG A 197 9.31 2.71 10.78
C ARG A 197 8.33 3.26 11.82
N ASP A 198 8.51 4.52 12.23
CA ASP A 198 7.56 5.15 13.15
C ASP A 198 6.18 5.22 12.51
N ILE A 199 6.11 5.55 11.23
CA ILE A 199 4.81 5.58 10.55
C ILE A 199 4.20 4.19 10.48
N ASP A 200 5.01 3.16 10.19
CA ASP A 200 4.55 1.78 10.28
C ASP A 200 3.93 1.47 11.64
N ARG A 201 4.57 1.95 12.71
CA ARG A 201 4.11 1.65 14.06
C ARG A 201 2.92 2.49 14.45
N LEU A 202 3.01 3.81 14.29
CA LEU A 202 2.01 4.70 14.87
C LEU A 202 0.84 4.95 13.95
N GLY A 203 1.04 4.91 12.63
CA GLY A 203 0.05 5.37 11.70
C GLY A 203 0.19 6.87 11.47
N ILE A 204 -0.14 7.35 10.28
CA ILE A 204 0.12 8.74 9.93
C ILE A 204 -0.77 9.72 10.73
N GLN A 205 -1.93 9.29 11.23
CA GLN A 205 -2.74 10.20 12.04
C GLN A 205 -2.03 10.56 13.34
N LYS A 206 -1.57 9.54 14.08
CA LYS A 206 -0.81 9.82 15.30
C LYS A 206 0.51 10.54 14.99
N VAL A 207 1.15 10.21 13.86
CA VAL A 207 2.39 10.92 13.50
C VAL A 207 2.12 12.41 13.40
N MET A 208 1.03 12.79 12.72
CA MET A 208 0.73 14.22 12.57
C MET A 208 0.34 14.84 13.92
N GLU A 209 -0.45 14.12 14.72
CA GLU A 209 -0.83 14.64 16.04
C GLU A 209 0.40 14.95 16.86
N ARG A 210 1.34 14.02 16.92
CA ARG A 210 2.55 14.23 17.70
C ARG A 210 3.45 15.29 17.09
N THR A 211 3.47 15.40 15.76
CA THR A 211 4.23 16.47 15.12
C THR A 211 3.74 17.83 15.58
N PHE A 212 2.42 18.05 15.53
CA PHE A 212 1.90 19.35 15.93
C PHE A 212 2.01 19.57 17.43
N ASP A 213 1.90 18.51 18.24
CA ASP A 213 2.12 18.71 19.67
CA ASP A 213 2.13 18.67 19.67
C ASP A 213 3.53 19.22 19.94
N LEU A 214 4.54 18.67 19.26
CA LEU A 214 5.91 19.14 19.48
C LEU A 214 6.09 20.60 19.06
N LEU A 215 5.52 20.99 17.94
CA LEU A 215 5.84 22.29 17.37
C LEU A 215 4.89 23.39 17.83
N ILE A 216 3.58 23.13 17.85
CA ILE A 216 2.59 24.16 18.15
C ILE A 216 1.72 23.76 19.35
N GLY A 217 2.16 22.78 20.13
CA GLY A 217 1.39 22.38 21.31
C GLY A 217 1.32 23.44 22.39
N LYS A 218 2.32 24.31 22.47
CA LYS A 218 2.32 25.37 23.48
C LYS A 218 1.82 26.71 22.96
N ARG A 219 2.08 27.03 21.69
CA ARG A 219 1.62 28.27 21.11
C ARG A 219 1.45 28.10 19.62
N GLN A 220 0.62 28.97 19.03
CA GLN A 220 0.50 29.05 17.58
C GLN A 220 1.78 29.60 16.97
N ARG A 221 2.24 28.97 15.89
CA ARG A 221 3.42 29.42 15.17
C ARG A 221 3.22 29.24 13.67
N PRO A 222 3.75 30.14 12.86
CA PRO A 222 3.68 29.93 11.41
C PRO A 222 4.46 28.68 11.03
N ILE A 223 3.90 27.91 10.10
CA ILE A 223 4.45 26.62 9.73
C ILE A 223 5.10 26.72 8.36
N HIS A 224 6.34 26.24 8.27
CA HIS A 224 7.05 26.07 7.00
C HIS A 224 7.09 24.59 6.64
N LEU A 225 6.43 24.22 5.54
CA LEU A 225 6.39 22.83 5.09
C LEU A 225 7.37 22.67 3.94
N SER A 226 8.46 21.92 4.16
CA SER A 226 9.47 21.70 3.14
C SER A 226 9.31 20.26 2.69
N PHE A 227 8.77 20.07 1.49
CA PHE A 227 8.33 18.76 1.04
C PHE A 227 9.21 18.30 -0.11
N ASP A 228 10.04 17.30 0.16
CA ASP A 228 10.86 16.64 -0.85
C ASP A 228 10.01 15.55 -1.50
N ILE A 229 9.82 15.65 -2.82
CA ILE A 229 8.96 14.69 -3.50
C ILE A 229 9.41 13.24 -3.29
N ASP A 230 10.70 13.00 -2.98
CA ASP A 230 11.19 11.63 -2.79
C ASP A 230 10.81 11.03 -1.44
N ALA A 231 10.06 11.76 -0.60
CA ALA A 231 9.39 11.14 0.54
C ALA A 231 8.44 10.03 0.08
N PHE A 232 7.72 10.29 -1.01
CA PHE A 232 6.83 9.30 -1.61
C PHE A 232 7.61 8.11 -2.13
N ASP A 233 6.98 6.94 -2.09
CA ASP A 233 7.56 5.74 -2.68
C ASP A 233 7.94 5.98 -4.15
N PRO A 234 9.07 5.42 -4.60
CA PRO A 234 9.45 5.58 -6.02
C PRO A 234 8.41 5.14 -7.04
N THR A 235 7.54 4.18 -6.70
CA THR A 235 6.46 3.82 -7.63
C THR A 235 5.52 4.99 -7.88
N LEU A 236 5.40 5.90 -6.92
CA LEU A 236 4.53 7.06 -7.09
C LEU A 236 5.26 8.30 -7.56
N ALA A 237 6.51 8.49 -7.16
CA ALA A 237 7.30 9.66 -7.56
C ALA A 237 8.63 9.18 -8.15
N PRO A 238 8.61 8.60 -9.36
CA PRO A 238 9.86 8.09 -9.94
C PRO A 238 10.80 9.18 -10.43
N ALA A 239 10.29 10.36 -10.81
CA ALA A 239 11.11 11.36 -11.48
C ALA A 239 11.79 12.26 -10.45
N THR A 240 12.84 11.72 -9.83
CA THR A 240 13.54 12.39 -8.75
C THR A 240 14.93 11.76 -8.61
N GLY A 241 15.88 12.54 -8.05
CA GLY A 241 17.28 12.18 -8.14
C GLY A 241 17.76 11.07 -7.21
N THR A 242 17.21 10.96 -5.99
CA THR A 242 17.64 9.95 -5.02
CA THR A 242 17.64 9.95 -5.02
C THR A 242 16.42 9.18 -4.50
N PRO A 243 15.82 8.33 -5.34
CA PRO A 243 14.65 7.57 -4.88
C PRO A 243 15.04 6.46 -3.92
N VAL A 244 14.16 6.18 -2.94
CA VAL A 244 14.41 5.16 -1.94
C VAL A 244 13.15 4.32 -1.74
N VAL A 245 13.26 3.00 -1.90
CA VAL A 245 12.12 2.11 -1.73
C VAL A 245 11.52 2.26 -0.34
N GLY A 246 10.23 1.99 -0.22
CA GLY A 246 9.56 1.93 1.06
C GLY A 246 9.07 3.26 1.59
N GLY A 247 8.57 4.14 0.72
CA GLY A 247 8.18 5.48 1.10
C GLY A 247 6.70 5.64 1.41
N LEU A 248 6.30 6.90 1.55
CA LEU A 248 4.91 7.25 1.81
C LEU A 248 4.00 6.73 0.70
N THR A 249 2.83 6.22 1.08
CA THR A 249 1.79 6.00 0.08
C THR A 249 1.22 7.35 -0.35
N TYR A 250 0.47 7.32 -1.47
CA TYR A 250 -0.29 8.48 -1.90
C TYR A 250 -1.19 9.00 -0.78
N ARG A 251 -1.89 8.09 -0.11
CA ARG A 251 -2.86 8.52 0.90
C ARG A 251 -2.15 9.13 2.12
N GLU A 252 -1.01 8.57 2.51
CA GLU A 252 -0.27 9.16 3.61
C GLU A 252 0.20 10.56 3.25
N GLY A 253 0.70 10.76 2.04
CA GLY A 253 1.11 12.09 1.61
C GLY A 253 -0.05 13.08 1.64
N MET A 254 -1.22 12.69 1.10
CA MET A 254 -2.38 13.57 1.17
C MET A 254 -2.75 13.85 2.61
N TYR A 255 -2.66 12.85 3.47
CA TYR A 255 -3.06 13.06 4.85
C TYR A 255 -2.15 14.07 5.53
N ILE A 256 -0.83 13.95 5.33
CA ILE A 256 0.09 14.96 5.86
C ILE A 256 -0.32 16.36 5.40
N ALA A 257 -0.50 16.52 4.08
CA ALA A 257 -0.85 17.84 3.55
C ALA A 257 -2.16 18.34 4.16
N GLU A 258 -3.18 17.47 4.24
CA GLU A 258 -4.47 17.85 4.81
C GLU A 258 -4.33 18.36 6.25
N GLU A 259 -3.55 17.66 7.08
CA GLU A 259 -3.33 18.11 8.45
C GLU A 259 -2.55 19.41 8.49
N ILE A 260 -1.61 19.62 7.56
CA ILE A 260 -0.94 20.92 7.47
C ILE A 260 -1.98 22.01 7.25
N HIS A 261 -2.87 21.81 6.27
CA HIS A 261 -3.92 22.79 6.03
C HIS A 261 -4.79 23.01 7.27
N ASN A 262 -5.17 21.93 7.96
CA ASN A 262 -6.12 22.00 9.06
C ASN A 262 -5.59 22.79 10.25
N THR A 263 -4.27 22.93 10.41
CA THR A 263 -3.74 23.81 11.47
C THR A 263 -4.11 25.26 11.25
N GLY A 264 -4.39 25.67 10.01
CA GLY A 264 -4.56 27.07 9.70
C GLY A 264 -3.31 27.91 9.72
N LEU A 265 -2.13 27.32 9.94
CA LEU A 265 -0.89 28.06 10.16
C LEU A 265 0.11 27.96 9.01
N LEU A 266 -0.23 27.29 7.91
CA LEU A 266 0.71 27.17 6.80
C LEU A 266 1.06 28.55 6.27
N SER A 267 2.34 28.88 6.32
CA SER A 267 2.82 30.17 5.89
C SER A 267 3.77 30.10 4.70
N ALA A 268 4.46 28.98 4.50
CA ALA A 268 5.28 28.77 3.32
C ALA A 268 5.45 27.26 3.07
N LEU A 269 5.59 26.92 1.79
CA LEU A 269 5.74 25.52 1.39
C LEU A 269 6.81 25.41 0.31
N ASP A 270 7.70 24.44 0.43
CA ASP A 270 8.63 24.09 -0.64
C ASP A 270 8.19 22.77 -1.25
N LEU A 271 8.19 22.69 -2.58
CA LEU A 271 7.99 21.41 -3.27
C LEU A 271 9.22 21.19 -4.13
N VAL A 272 10.13 20.31 -3.69
CA VAL A 272 11.47 20.26 -4.26
C VAL A 272 11.76 18.87 -4.83
N GLU A 273 12.76 18.83 -5.72
CA GLU A 273 13.42 17.63 -6.23
C GLU A 273 12.61 16.86 -7.28
N VAL A 274 11.61 17.49 -7.90
CA VAL A 274 11.01 16.90 -9.10
C VAL A 274 11.98 17.12 -10.27
N ASN A 275 12.50 16.03 -10.82
CA ASN A 275 13.43 16.09 -11.96
C ASN A 275 12.82 15.29 -13.11
N PRO A 276 12.12 15.95 -14.04
CA PRO A 276 11.40 15.19 -15.09
C PRO A 276 12.32 14.46 -16.06
N GLN A 277 13.60 14.84 -16.15
CA GLN A 277 14.53 14.15 -17.04
C GLN A 277 14.89 12.76 -16.53
N LEU A 278 14.64 12.45 -15.27
CA LEU A 278 14.97 11.13 -14.74
C LEU A 278 13.83 10.15 -14.88
N ALA A 279 12.68 10.59 -15.37
CA ALA A 279 11.63 9.65 -15.71
C ALA A 279 12.05 8.81 -16.91
N THR A 280 11.70 7.53 -16.88
CA THR A 280 11.96 6.68 -18.03
C THR A 280 10.89 6.82 -19.10
N SER A 281 9.83 7.58 -18.84
CA SER A 281 8.77 7.77 -19.80
C SER A 281 8.05 9.08 -19.49
N GLU A 282 7.35 9.59 -20.49
CA GLU A 282 6.53 10.78 -20.28
C GLU A 282 5.46 10.54 -19.22
N GLU A 283 4.97 9.30 -19.13
CA GLU A 283 3.98 8.96 -18.11
C GLU A 283 4.55 9.10 -16.71
N GLU A 284 5.79 8.65 -16.51
CA GLU A 284 6.42 8.77 -15.19
C GLU A 284 6.66 10.22 -14.83
N ALA A 285 7.06 11.04 -15.81
CA ALA A 285 7.27 12.46 -15.55
C ALA A 285 5.98 13.14 -15.13
N LYS A 286 4.88 12.88 -15.86
CA LYS A 286 3.63 13.56 -15.53
C LYS A 286 3.01 13.05 -14.23
N THR A 287 3.14 11.75 -13.96
CA THR A 287 2.68 11.23 -12.67
C THR A 287 3.39 11.93 -11.50
N THR A 288 4.71 12.14 -11.62
CA THR A 288 5.44 12.82 -10.55
C THR A 288 4.99 14.29 -10.42
N ALA A 289 4.80 14.97 -11.55
CA ALA A 289 4.40 16.37 -11.49
C ALA A 289 2.98 16.52 -10.97
N ASN A 290 2.10 15.57 -11.33
CA ASN A 290 0.73 15.63 -10.83
C ASN A 290 0.67 15.37 -9.34
N LEU A 291 1.52 14.48 -8.84
CA LEU A 291 1.61 14.24 -7.40
C LEU A 291 2.06 15.50 -6.67
N ALA A 292 3.04 16.20 -7.24
CA ALA A 292 3.48 17.47 -6.66
C ALA A 292 2.34 18.47 -6.57
N VAL A 293 1.51 18.56 -7.62
CA VAL A 293 0.36 19.46 -7.57
C VAL A 293 -0.65 19.02 -6.52
N ASP A 294 -0.88 17.72 -6.38
CA ASP A 294 -1.80 17.24 -5.33
C ASP A 294 -1.31 17.60 -3.93
N VAL A 295 0.00 17.48 -3.69
CA VAL A 295 0.55 17.82 -2.38
C VAL A 295 0.28 19.29 -2.06
N ILE A 296 0.59 20.17 -3.02
CA ILE A 296 0.44 21.61 -2.82
C ILE A 296 -1.04 21.97 -2.68
N ALA A 297 -1.89 21.41 -3.55
CA ALA A 297 -3.31 21.71 -3.49
C ALA A 297 -3.91 21.23 -2.16
N SER A 298 -3.52 20.04 -1.69
CA SER A 298 -4.04 19.56 -0.43
CA SER A 298 -4.05 19.55 -0.43
C SER A 298 -3.57 20.42 0.74
N SER A 299 -2.33 20.92 0.67
CA SER A 299 -1.78 21.76 1.73
C SER A 299 -2.53 23.08 1.86
N PHE A 300 -3.26 23.48 0.82
CA PHE A 300 -4.02 24.73 0.81
C PHE A 300 -5.53 24.49 0.77
N GLY A 301 -5.98 23.28 1.06
CA GLY A 301 -7.39 23.08 1.32
C GLY A 301 -8.08 22.03 0.49
N GLN A 302 -7.46 21.44 -0.53
CA GLN A 302 -8.16 20.38 -1.24
C GLN A 302 -8.38 19.19 -0.31
N THR A 303 -9.61 18.69 -0.29
CA THR A 303 -9.96 17.54 0.54
C THR A 303 -10.35 16.36 -0.33
N ARG A 304 -10.40 15.20 0.28
CA ARG A 304 -10.90 14.05 -0.44
C ARG A 304 -12.42 13.89 -0.33
N GLU A 305 -13.09 14.62 0.55
CA GLU A 305 -14.54 14.49 0.66
C GLU A 305 -15.30 15.68 0.07
N GLY A 306 -14.61 16.63 -0.56
CA GLY A 306 -15.31 17.72 -1.21
C GLY A 306 -15.90 18.75 -0.26
N HIS B 1 -28.06 -22.37 0.79
CA HIS B 1 -27.84 -20.98 0.40
C HIS B 1 -27.85 -20.87 -1.11
N SER B 2 -28.70 -19.98 -1.63
CA SER B 2 -28.93 -19.87 -3.06
C SER B 2 -28.58 -18.48 -3.53
N VAL B 3 -27.93 -18.41 -4.70
CA VAL B 3 -27.47 -17.15 -5.27
C VAL B 3 -27.98 -17.05 -6.70
N ALA B 4 -28.65 -15.95 -7.00
CA ALA B 4 -29.06 -15.63 -8.36
C ALA B 4 -28.03 -14.68 -8.95
N VAL B 5 -27.60 -14.94 -10.18
CA VAL B 5 -26.68 -14.07 -10.89
C VAL B 5 -27.44 -13.45 -12.05
N ILE B 6 -27.43 -12.12 -12.10
CA ILE B 6 -28.13 -11.36 -13.13
C ILE B 6 -27.11 -10.50 -13.86
N GLY B 7 -27.03 -10.65 -15.18
CA GLY B 7 -26.24 -9.71 -15.95
C GLY B 7 -27.09 -8.52 -16.34
N ALA B 8 -26.64 -7.30 -16.02
CA ALA B 8 -27.36 -6.07 -16.36
C ALA B 8 -26.44 -5.23 -17.24
N PRO B 9 -26.32 -5.57 -18.51
CA PRO B 9 -25.35 -4.87 -19.38
C PRO B 9 -25.84 -3.50 -19.82
N PHE B 10 -25.86 -2.55 -18.89
CA PHE B 10 -26.34 -1.21 -19.23
C PHE B 10 -25.19 -0.22 -19.26
N SER B 11 -25.27 0.71 -20.21
CA SER B 11 -24.27 1.74 -20.42
C SER B 11 -24.88 3.14 -20.54
N GLN B 12 -26.21 3.25 -20.58
CA GLN B 12 -26.85 4.53 -20.83
C GLN B 12 -26.95 5.40 -19.59
N GLY B 13 -26.49 4.92 -18.42
CA GLY B 13 -26.30 5.85 -17.32
C GLY B 13 -25.09 6.74 -17.44
N GLN B 14 -24.27 6.58 -18.48
CA GLN B 14 -23.09 7.41 -18.68
C GLN B 14 -22.78 7.43 -20.18
N LYS B 15 -21.61 7.97 -20.54
CA LYS B 15 -21.33 8.24 -21.95
C LYS B 15 -20.17 7.44 -22.55
N ARG B 16 -19.43 6.66 -21.77
CA ARG B 16 -18.29 5.93 -22.30
C ARG B 16 -18.73 4.54 -22.76
N LYS B 17 -18.34 4.17 -23.97
CA LYS B 17 -18.73 2.89 -24.52
C LYS B 17 -17.98 1.75 -23.85
N GLY B 18 -18.67 0.63 -23.65
CA GLY B 18 -18.02 -0.62 -23.31
C GLY B 18 -18.41 -1.22 -21.97
N VAL B 19 -18.97 -0.43 -21.04
CA VAL B 19 -19.32 -0.97 -19.73
C VAL B 19 -20.43 -2.03 -19.84
N GLU B 20 -21.18 -2.04 -20.94
CA GLU B 20 -22.14 -3.11 -21.19
C GLU B 20 -21.49 -4.49 -21.36
N HIS B 21 -20.16 -4.56 -21.54
CA HIS B 21 -19.46 -5.84 -21.58
C HIS B 21 -18.89 -6.24 -20.24
N GLY B 22 -19.11 -5.43 -19.19
CA GLY B 22 -18.76 -5.79 -17.83
C GLY B 22 -19.24 -7.17 -17.39
N PRO B 23 -20.53 -7.49 -17.56
CA PRO B 23 -21.00 -8.81 -17.11
C PRO B 23 -20.29 -9.99 -17.77
N ALA B 24 -20.06 -9.93 -19.10
CA ALA B 24 -19.33 -11.01 -19.75
C ALA B 24 -17.90 -11.12 -19.24
N ALA B 25 -17.22 -9.97 -19.04
CA ALA B 25 -15.84 -10.02 -18.53
C ALA B 25 -15.79 -10.68 -17.15
N ILE B 26 -16.73 -10.31 -16.27
CA ILE B 26 -16.77 -10.93 -14.94
C ILE B 26 -17.07 -12.43 -15.05
N ARG B 27 -18.08 -12.80 -15.85
CA ARG B 27 -18.34 -14.23 -16.05
C ARG B 27 -17.10 -14.95 -16.57
N GLU B 28 -16.44 -14.36 -17.57
CA GLU B 28 -15.26 -14.97 -18.16
C GLU B 28 -14.13 -15.11 -17.15
N ALA B 29 -14.09 -14.25 -16.13
CA ALA B 29 -13.07 -14.40 -15.10
C ALA B 29 -13.37 -15.51 -14.10
N GLY B 30 -14.37 -16.35 -14.35
CA GLY B 30 -14.57 -17.53 -13.52
C GLY B 30 -15.53 -17.37 -12.36
N LEU B 31 -16.44 -16.39 -12.42
CA LEU B 31 -17.35 -16.13 -11.30
C LEU B 31 -18.14 -17.37 -10.89
N MET B 32 -18.71 -18.09 -11.87
CA MET B 32 -19.72 -19.09 -11.51
C MET B 32 -19.08 -20.27 -10.80
N LYS B 33 -17.90 -20.71 -11.27
CA LYS B 33 -17.18 -21.77 -10.56
C LYS B 33 -16.77 -21.34 -9.16
N ARG B 34 -16.32 -20.10 -9.00
CA ARG B 34 -15.94 -19.60 -7.69
C ARG B 34 -17.12 -19.64 -6.70
N LEU B 35 -18.32 -19.26 -7.16
CA LEU B 35 -19.46 -19.30 -6.24
C LEU B 35 -19.88 -20.72 -5.93
N SER B 36 -19.91 -21.60 -6.93
CA SER B 36 -20.21 -23.01 -6.68
CA SER B 36 -20.21 -23.01 -6.68
C SER B 36 -19.26 -23.59 -5.63
N SER B 37 -17.95 -23.34 -5.80
CA SER B 37 -16.94 -23.91 -4.90
C SER B 37 -17.18 -23.55 -3.44
N LEU B 38 -17.80 -22.41 -3.19
CA LEU B 38 -18.14 -22.03 -1.82
C LEU B 38 -19.38 -22.75 -1.32
N GLY B 39 -20.04 -23.52 -2.18
CA GLY B 39 -21.28 -24.17 -1.81
C GLY B 39 -22.54 -23.43 -2.24
N CYS B 40 -22.43 -22.31 -2.95
CA CYS B 40 -23.63 -21.61 -3.38
C CYS B 40 -24.38 -22.42 -4.43
N HIS B 41 -25.69 -22.56 -4.24
CA HIS B 41 -26.57 -23.06 -5.28
C HIS B 41 -26.95 -21.91 -6.19
N LEU B 42 -26.68 -22.04 -7.49
CA LEU B 42 -26.71 -20.91 -8.41
C LEU B 42 -27.87 -20.99 -9.38
N LYS B 43 -28.52 -19.84 -9.61
CA LYS B 43 -29.39 -19.66 -10.76
C LYS B 43 -28.85 -18.50 -11.59
N ASP B 44 -28.46 -18.80 -12.82
CA ASP B 44 -27.98 -17.77 -13.72
C ASP B 44 -29.15 -17.30 -14.57
N PHE B 45 -29.56 -16.06 -14.35
CA PHE B 45 -30.60 -15.45 -15.17
C PHE B 45 -30.09 -15.00 -16.53
N GLY B 46 -28.80 -15.17 -16.81
CA GLY B 46 -28.24 -14.65 -18.04
C GLY B 46 -28.03 -13.15 -18.02
N ASP B 47 -27.72 -12.62 -19.20
CA ASP B 47 -27.66 -11.18 -19.43
C ASP B 47 -29.03 -10.69 -19.88
N LEU B 48 -29.65 -9.81 -19.10
CA LEU B 48 -30.95 -9.29 -19.50
C LEU B 48 -30.82 -8.46 -20.78
N SER B 49 -31.89 -8.41 -21.55
CA SER B 49 -31.99 -7.53 -22.70
C SER B 49 -33.07 -6.50 -22.36
N PHE B 50 -32.68 -5.24 -22.23
CA PHE B 50 -33.61 -4.22 -21.77
C PHE B 50 -34.33 -3.59 -22.94
N THR B 51 -35.62 -3.32 -22.75
CA THR B 51 -36.41 -2.70 -23.82
C THR B 51 -35.93 -1.28 -24.09
N PRO B 52 -35.58 -0.94 -25.33
CA PRO B 52 -35.23 0.44 -25.64
C PRO B 52 -36.46 1.33 -25.70
N VAL B 53 -36.23 2.64 -25.63
CA VAL B 53 -37.29 3.62 -25.72
C VAL B 53 -36.99 4.51 -26.92
N PRO B 54 -37.90 4.62 -27.90
CA PRO B 54 -37.62 5.49 -29.06
C PRO B 54 -37.60 6.94 -28.63
N LYS B 55 -36.77 7.73 -29.31
CA LYS B 55 -36.75 9.18 -29.15
C LYS B 55 -36.57 9.58 -27.69
N ASP B 56 -35.61 8.94 -27.03
CA ASP B 56 -35.34 9.21 -25.62
C ASP B 56 -34.49 10.49 -25.53
N ASP B 57 -35.15 11.61 -25.83
CA ASP B 57 -34.51 12.92 -25.83
C ASP B 57 -34.02 13.29 -24.44
N LEU B 58 -32.99 14.15 -24.42
CA LEU B 58 -32.47 14.69 -23.16
C LEU B 58 -33.60 15.28 -22.32
N TYR B 59 -33.49 15.10 -21.01
CA TYR B 59 -34.38 15.79 -20.09
C TYR B 59 -33.76 17.13 -19.68
N ASN B 60 -34.51 18.21 -19.84
CA ASN B 60 -34.07 19.54 -19.44
C ASN B 60 -32.76 19.93 -20.12
N ASN B 61 -32.60 19.50 -21.37
CA ASN B 61 -31.37 19.75 -22.14
C ASN B 61 -30.10 19.34 -21.37
N LEU B 62 -30.19 18.32 -20.52
CA LEU B 62 -29.01 17.92 -19.75
C LEU B 62 -28.94 16.43 -19.42
N ILE B 63 -30.02 15.84 -18.88
CA ILE B 63 -29.98 14.47 -18.39
C ILE B 63 -30.12 13.53 -19.58
N VAL B 64 -29.13 12.62 -19.75
CA VAL B 64 -29.04 11.76 -20.93
C VAL B 64 -29.79 10.45 -20.70
N ASN B 65 -30.45 9.97 -21.76
CA ASN B 65 -31.18 8.70 -21.77
C ASN B 65 -32.10 8.45 -20.58
N PRO B 66 -32.94 9.44 -20.18
CA PRO B 66 -33.74 9.22 -18.96
C PRO B 66 -34.76 8.10 -19.07
N ARG B 67 -35.49 7.99 -20.19
CA ARG B 67 -36.52 6.96 -20.30
C ARG B 67 -35.89 5.58 -20.40
N SER B 68 -34.78 5.45 -21.12
CA SER B 68 -34.13 4.15 -21.24
C SER B 68 -33.59 3.67 -19.91
N VAL B 69 -32.97 4.57 -19.14
CA VAL B 69 -32.51 4.23 -17.80
C VAL B 69 -33.71 3.90 -16.90
N GLY B 70 -34.79 4.65 -17.04
CA GLY B 70 -35.97 4.39 -16.22
C GLY B 70 -36.60 3.05 -16.51
N LEU B 71 -36.76 2.72 -17.81
CA LEU B 71 -37.43 1.49 -18.16
C LEU B 71 -36.53 0.28 -17.90
N ALA B 72 -35.24 0.37 -18.23
CA ALA B 72 -34.35 -0.76 -17.92
C ALA B 72 -34.32 -1.05 -16.44
N ASN B 73 -34.33 -0.01 -15.60
CA ASN B 73 -34.34 -0.22 -14.15
C ASN B 73 -35.68 -0.76 -13.68
N GLN B 74 -36.79 -0.37 -14.32
CA GLN B 74 -38.08 -0.98 -13.99
C GLN B 74 -38.04 -2.48 -14.25
N GLU B 75 -37.49 -2.87 -15.40
CA GLU B 75 -37.41 -4.29 -15.74
C GLU B 75 -36.44 -5.04 -14.83
N LEU B 76 -35.30 -4.41 -14.53
CA LEU B 76 -34.34 -5.03 -13.62
C LEU B 76 -34.96 -5.25 -12.23
N ALA B 77 -35.64 -4.23 -11.71
CA ALA B 77 -36.26 -4.30 -10.38
C ALA B 77 -37.21 -5.48 -10.27
N GLU B 78 -37.97 -5.73 -11.33
CA GLU B 78 -38.90 -6.85 -11.36
C GLU B 78 -38.17 -8.17 -11.24
N VAL B 79 -37.07 -8.35 -11.98
CA VAL B 79 -36.30 -9.57 -11.87
C VAL B 79 -35.71 -9.71 -10.46
N VAL B 80 -35.16 -8.62 -9.92
CA VAL B 80 -34.57 -8.69 -8.58
C VAL B 80 -35.64 -9.01 -7.54
N SER B 81 -36.77 -8.31 -7.60
CA SER B 81 -37.86 -8.59 -6.67
C SER B 81 -38.28 -10.05 -6.72
N ARG B 82 -38.37 -10.62 -7.93
CA ARG B 82 -38.78 -12.01 -8.07
C ARG B 82 -37.75 -12.97 -7.48
N ALA B 83 -36.46 -12.74 -7.76
CA ALA B 83 -35.41 -13.61 -7.25
C ALA B 83 -35.33 -13.58 -5.72
N VAL B 84 -35.49 -12.39 -5.13
CA VAL B 84 -35.46 -12.30 -3.67
C VAL B 84 -36.63 -13.07 -3.07
N SER B 85 -37.82 -12.90 -3.65
CA SER B 85 -39.00 -13.59 -3.15
C SER B 85 -38.85 -15.10 -3.25
N ASP B 86 -38.08 -15.60 -4.22
CA ASP B 86 -37.78 -17.03 -4.35
C ASP B 86 -36.61 -17.46 -3.49
N GLY B 87 -36.09 -16.59 -2.63
CA GLY B 87 -35.09 -17.02 -1.67
C GLY B 87 -33.65 -16.85 -2.09
N TYR B 88 -33.39 -16.20 -3.22
CA TYR B 88 -32.02 -15.99 -3.69
C TYR B 88 -31.43 -14.71 -3.13
N SER B 89 -30.18 -14.79 -2.70
CA SER B 89 -29.31 -13.60 -2.68
C SER B 89 -29.00 -13.22 -4.13
N CYS B 90 -29.17 -11.95 -4.44
CA CYS B 90 -29.08 -11.45 -5.81
CA CYS B 90 -29.11 -11.44 -5.80
C CYS B 90 -27.75 -10.76 -6.11
N VAL B 91 -26.96 -11.36 -7.00
CA VAL B 91 -25.77 -10.71 -7.53
C VAL B 91 -26.13 -10.11 -8.88
N THR B 92 -26.03 -8.79 -9.02
CA THR B 92 -26.24 -8.13 -10.30
C THR B 92 -24.89 -7.63 -10.82
N LEU B 93 -24.54 -8.03 -12.04
CA LEU B 93 -23.30 -7.60 -12.67
C LEU B 93 -23.59 -6.46 -13.63
N GLY B 94 -22.90 -5.34 -13.46
CA GLY B 94 -23.03 -4.21 -14.36
C GLY B 94 -21.93 -4.21 -15.42
N GLY B 95 -22.02 -3.25 -16.34
CA GLY B 95 -23.02 -2.19 -16.30
C GLY B 95 -22.65 -1.00 -15.43
N ASP B 96 -23.18 0.18 -15.78
CA ASP B 96 -22.90 1.39 -15.02
C ASP B 96 -23.79 1.42 -13.78
N HIS B 97 -23.45 2.29 -12.83
CA HIS B 97 -24.07 2.27 -11.49
C HIS B 97 -25.50 2.82 -11.46
N SER B 98 -26.06 3.30 -12.58
CA SER B 98 -27.47 3.65 -12.53
C SER B 98 -28.38 2.44 -12.35
N LEU B 99 -27.87 1.22 -12.54
CA LEU B 99 -28.67 0.02 -12.32
C LEU B 99 -29.01 -0.19 -10.86
N ALA B 100 -28.31 0.47 -9.93
CA ALA B 100 -28.68 0.33 -8.53
C ALA B 100 -30.04 0.95 -8.26
N ILE B 101 -30.51 1.85 -9.11
CA ILE B 101 -31.89 2.29 -9.01
C ILE B 101 -32.82 1.08 -9.08
N GLY B 102 -32.59 0.22 -10.07
CA GLY B 102 -33.44 -0.95 -10.25
C GLY B 102 -33.19 -2.04 -9.21
N THR B 103 -31.94 -2.38 -8.92
CA THR B 103 -31.75 -3.48 -7.98
C THR B 103 -32.20 -3.10 -6.57
N ILE B 104 -31.98 -1.85 -6.15
CA ILE B 104 -32.38 -1.48 -4.80
C ILE B 104 -33.90 -1.32 -4.72
N SER B 105 -34.53 -0.77 -5.76
CA SER B 105 -35.99 -0.70 -5.77
C SER B 105 -36.61 -2.09 -5.72
N GLY B 106 -36.14 -3.00 -6.58
CA GLY B 106 -36.64 -4.36 -6.55
C GLY B 106 -36.37 -5.06 -5.22
N HIS B 107 -35.16 -4.87 -4.68
CA HIS B 107 -34.81 -5.44 -3.37
C HIS B 107 -35.71 -4.91 -2.27
N ALA B 108 -35.95 -3.59 -2.26
CA ALA B 108 -36.75 -2.95 -1.22
C ALA B 108 -38.23 -3.23 -1.36
N ARG B 109 -38.68 -3.72 -2.51
CA ARG B 109 -40.10 -3.94 -2.75
C ARG B 109 -40.72 -4.80 -1.66
N HIS B 110 -40.05 -5.90 -1.28
CA HIS B 110 -40.53 -6.76 -0.21
C HIS B 110 -39.51 -6.90 0.92
N CYS B 111 -38.52 -6.00 0.97
CA CYS B 111 -37.61 -5.88 2.11
C CYS B 111 -37.42 -4.41 2.40
N PRO B 112 -38.51 -3.70 2.75
CA PRO B 112 -38.42 -2.24 2.91
C PRO B 112 -37.50 -1.79 4.03
N ASP B 113 -37.12 -2.66 4.95
CA ASP B 113 -36.18 -2.32 6.01
C ASP B 113 -34.73 -2.66 5.63
N LEU B 114 -34.42 -2.84 4.34
CA LEU B 114 -33.05 -3.16 3.98
C LEU B 114 -32.13 -1.97 4.27
N CYS B 115 -30.84 -2.26 4.40
CA CYS B 115 -29.85 -1.21 4.53
C CYS B 115 -28.83 -1.37 3.40
N VAL B 116 -28.11 -0.29 3.14
CA VAL B 116 -27.26 -0.17 1.95
C VAL B 116 -25.85 0.17 2.40
N VAL B 117 -24.87 -0.63 1.96
CA VAL B 117 -23.45 -0.29 2.05
C VAL B 117 -22.99 -0.02 0.64
N TRP B 118 -22.56 1.23 0.40
CA TRP B 118 -22.23 1.75 -0.93
C TRP B 118 -20.73 1.97 -0.97
N VAL B 119 -20.02 1.10 -1.69
CA VAL B 119 -18.55 1.13 -1.75
C VAL B 119 -18.13 1.72 -3.08
N ASP B 120 -17.43 2.86 -3.04
CA ASP B 120 -17.35 3.74 -4.20
C ASP B 120 -16.37 4.88 -3.95
N ALA B 121 -15.68 5.35 -4.99
CA ALA B 121 -14.96 6.61 -4.89
C ALA B 121 -15.89 7.81 -4.88
N HIS B 122 -17.13 7.65 -5.36
CA HIS B 122 -18.09 8.72 -5.54
C HIS B 122 -19.36 8.47 -4.73
N ALA B 123 -20.10 9.54 -4.47
CA ALA B 123 -21.30 9.43 -3.68
C ALA B 123 -22.53 9.13 -4.54
N ASP B 124 -22.47 9.37 -5.85
CA ASP B 124 -23.55 9.04 -6.78
C ASP B 124 -24.88 9.61 -6.28
N ILE B 125 -24.84 10.77 -5.63
CA ILE B 125 -25.99 11.34 -4.95
C ILE B 125 -26.35 12.72 -5.47
N ASN B 126 -25.83 13.11 -6.64
CA ASN B 126 -26.37 14.28 -7.31
C ASN B 126 -27.83 14.04 -7.64
N THR B 127 -28.61 15.10 -7.62
CA THR B 127 -29.97 15.08 -8.14
C THR B 127 -29.98 15.60 -9.55
N PRO B 128 -31.10 15.50 -10.26
CA PRO B 128 -31.18 16.14 -11.59
C PRO B 128 -30.96 17.63 -11.55
N LEU B 129 -31.06 18.27 -10.38
CA LEU B 129 -30.84 19.70 -10.23
C LEU B 129 -29.41 20.06 -9.85
N THR B 130 -28.59 19.08 -9.45
CA THR B 130 -27.22 19.37 -9.07
C THR B 130 -26.19 18.72 -9.99
N THR B 131 -26.56 17.71 -10.77
CA THR B 131 -25.58 17.04 -11.61
C THR B 131 -25.01 18.03 -12.63
N SER B 132 -23.70 18.01 -12.80
CA SER B 132 -23.08 18.81 -13.85
C SER B 132 -22.67 18.00 -15.06
N SER B 133 -22.83 16.68 -15.01
CA SER B 133 -22.55 15.79 -16.13
C SER B 133 -23.81 15.38 -16.88
N GLY B 134 -24.95 15.33 -16.21
CA GLY B 134 -26.16 14.80 -16.81
C GLY B 134 -26.22 13.28 -16.85
N ASN B 135 -25.23 12.60 -16.28
CA ASN B 135 -25.12 11.15 -16.36
C ASN B 135 -25.81 10.52 -15.16
N LEU B 136 -26.83 9.69 -15.43
CA LEU B 136 -27.61 9.13 -14.34
C LEU B 136 -26.81 8.19 -13.44
N HIS B 137 -25.66 7.67 -13.91
CA HIS B 137 -24.88 6.81 -13.01
C HIS B 137 -24.30 7.57 -11.83
N GLY B 138 -24.33 8.90 -11.88
CA GLY B 138 -23.88 9.75 -10.80
C GLY B 138 -24.99 10.32 -9.94
N GLN B 139 -26.25 9.94 -10.21
CA GLN B 139 -27.43 10.34 -9.44
C GLN B 139 -28.26 9.24 -8.76
N PRO B 140 -27.87 7.94 -8.78
CA PRO B 140 -28.87 6.91 -8.40
C PRO B 140 -29.38 7.03 -6.99
N VAL B 141 -28.53 7.42 -6.04
CA VAL B 141 -28.95 7.47 -4.65
C VAL B 141 -30.00 8.55 -4.43
N SER B 142 -29.97 9.63 -5.22
CA SER B 142 -30.94 10.70 -5.00
C SER B 142 -32.37 10.23 -5.22
N PHE B 143 -32.56 9.22 -6.08
CA PHE B 143 -33.89 8.70 -6.39
C PHE B 143 -34.39 7.75 -5.33
N LEU B 144 -33.50 7.23 -4.48
CA LEU B 144 -33.83 6.19 -3.53
C LEU B 144 -34.07 6.71 -2.12
N LEU B 145 -33.62 7.90 -1.79
CA LEU B 145 -33.63 8.37 -0.41
C LEU B 145 -34.90 9.17 -0.15
N ARG B 146 -35.66 8.75 0.85
CA ARG B 146 -36.98 9.33 1.10
C ARG B 146 -36.88 10.81 1.49
N GLU B 147 -35.87 11.18 2.28
CA GLU B 147 -35.76 12.57 2.76
C GLU B 147 -35.48 13.56 1.64
N LEU B 148 -35.07 13.10 0.46
CA LEU B 148 -34.63 13.99 -0.61
C LEU B 148 -35.70 14.30 -1.63
N GLN B 149 -36.88 13.67 -1.52
CA GLN B 149 -37.79 13.60 -2.68
CA GLN B 149 -37.73 13.62 -2.71
C GLN B 149 -38.40 14.95 -3.02
N ASP B 150 -38.59 15.83 -2.03
CA ASP B 150 -39.08 17.17 -2.34
CA ASP B 150 -39.08 17.17 -2.34
C ASP B 150 -38.12 17.93 -3.25
N LYS B 151 -36.84 17.54 -3.28
CA LYS B 151 -35.83 18.20 -4.09
C LYS B 151 -35.44 17.41 -5.33
N VAL B 152 -36.19 16.36 -5.66
CA VAL B 152 -35.88 15.54 -6.83
C VAL B 152 -37.06 15.62 -7.79
N PRO B 153 -36.92 16.29 -8.93
CA PRO B 153 -38.02 16.35 -9.90
C PRO B 153 -38.26 14.98 -10.53
N GLN B 154 -39.41 14.85 -11.19
CA GLN B 154 -39.81 13.58 -11.79
C GLN B 154 -39.34 13.52 -13.25
N LEU B 155 -38.44 12.59 -13.53
CA LEU B 155 -37.89 12.38 -14.86
C LEU B 155 -38.83 11.51 -15.70
N PRO B 156 -38.86 11.71 -17.01
CA PRO B 156 -39.64 10.80 -17.85
C PRO B 156 -39.11 9.38 -17.73
N GLY B 157 -40.02 8.45 -17.46
CA GLY B 157 -39.69 7.06 -17.26
C GLY B 157 -39.38 6.69 -15.83
N PHE B 158 -39.46 7.64 -14.89
CA PHE B 158 -39.11 7.39 -13.50
C PHE B 158 -40.32 7.36 -12.57
N SER B 159 -41.55 7.45 -13.11
CA SER B 159 -42.70 7.60 -12.23
C SER B 159 -42.96 6.37 -11.38
N TRP B 160 -42.52 5.18 -11.83
CA TRP B 160 -42.71 3.94 -11.07
C TRP B 160 -41.86 3.90 -9.80
N ILE B 161 -40.83 4.75 -9.70
CA ILE B 161 -39.90 4.70 -8.58
C ILE B 161 -40.50 5.41 -7.36
N LYS B 162 -40.61 4.70 -6.26
CA LYS B 162 -40.97 5.29 -4.98
C LYS B 162 -39.81 5.14 -4.00
N PRO B 163 -39.18 6.23 -3.61
CA PRO B 163 -38.08 6.16 -2.62
C PRO B 163 -38.46 5.44 -1.34
N CYS B 164 -37.80 4.33 -1.06
CA CYS B 164 -38.18 3.45 0.05
C CYS B 164 -37.29 3.60 1.27
N ILE B 165 -36.10 4.15 1.12
CA ILE B 165 -35.03 4.03 2.10
C ILE B 165 -34.79 5.37 2.77
N SER B 166 -34.53 5.34 4.07
N SER B 166 -34.54 5.35 4.07
CA SER B 166 -34.16 6.55 4.78
CA SER B 166 -34.17 6.58 4.75
C SER B 166 -32.67 6.82 4.65
C SER B 166 -32.68 6.83 4.63
N SER B 167 -32.32 8.10 4.74
CA SER B 167 -30.93 8.50 4.65
C SER B 167 -30.10 7.97 5.82
N ALA B 168 -30.75 7.52 6.89
CA ALA B 168 -30.03 6.84 7.97
C ALA B 168 -29.71 5.40 7.63
N SER B 169 -30.14 4.90 6.48
CA SER B 169 -30.01 3.49 6.15
C SER B 169 -28.98 3.20 5.07
N ILE B 170 -28.15 4.19 4.70
CA ILE B 170 -27.06 3.98 3.76
C ILE B 170 -25.76 4.47 4.39
N VAL B 171 -24.69 3.70 4.22
CA VAL B 171 -23.34 4.10 4.63
C VAL B 171 -22.43 4.01 3.42
N TYR B 172 -21.65 5.07 3.18
CA TYR B 172 -20.64 5.07 2.12
C TYR B 172 -19.29 4.66 2.66
N ILE B 173 -18.51 3.93 1.85
CA ILE B 173 -17.13 3.59 2.16
C ILE B 173 -16.27 3.82 0.91
N GLY B 174 -15.24 4.68 1.05
CA GLY B 174 -14.22 4.87 0.04
C GLY B 174 -14.25 6.21 -0.68
N LEU B 175 -15.13 7.13 -0.28
CA LEU B 175 -15.32 8.38 -1.00
C LEU B 175 -14.01 9.15 -1.15
N ARG B 176 -13.78 9.67 -2.36
CA ARG B 176 -12.64 10.56 -2.56
C ARG B 176 -12.83 11.56 -3.70
N ASP B 177 -14.00 11.56 -4.40
CA ASP B 177 -14.23 12.46 -5.55
C ASP B 177 -15.71 12.87 -5.51
N VAL B 178 -15.98 13.90 -4.70
CA VAL B 178 -17.33 14.29 -4.32
C VAL B 178 -17.58 15.72 -4.81
N ASP B 179 -18.71 15.94 -5.48
CA ASP B 179 -19.07 17.29 -5.94
C ASP B 179 -19.56 18.12 -4.75
N PRO B 180 -19.36 19.44 -4.79
CA PRO B 180 -19.80 20.29 -3.67
C PRO B 180 -21.29 20.14 -3.38
N PRO B 181 -22.18 20.06 -4.38
CA PRO B 181 -23.59 19.82 -4.03
C PRO B 181 -23.81 18.46 -3.36
N GLU B 182 -23.03 17.44 -3.71
CA GLU B 182 -23.18 16.15 -3.04
C GLU B 182 -22.71 16.23 -1.59
N HIS B 183 -21.59 16.90 -1.36
CA HIS B 183 -21.10 17.11 0.00
C HIS B 183 -22.13 17.86 0.84
N PHE B 184 -22.78 18.88 0.24
CA PHE B 184 -23.87 19.55 0.94
C PHE B 184 -24.95 18.55 1.33
N ILE B 185 -25.35 17.68 0.39
CA ILE B 185 -26.43 16.74 0.65
C ILE B 185 -26.04 15.80 1.77
N LEU B 186 -24.83 15.25 1.72
CA LEU B 186 -24.39 14.34 2.78
C LEU B 186 -24.43 15.03 4.14
N LYS B 187 -23.95 16.27 4.22
CA LYS B 187 -23.97 16.99 5.49
C LYS B 187 -25.39 17.34 5.89
N ASN B 188 -26.17 17.88 4.96
CA ASN B 188 -27.47 18.40 5.31
C ASN B 188 -28.41 17.32 5.79
N TYR B 189 -28.31 16.12 5.23
CA TYR B 189 -29.21 15.04 5.63
C TYR B 189 -28.53 14.05 6.59
N ASP B 190 -27.36 14.38 7.12
CA ASP B 190 -26.65 13.56 8.10
C ASP B 190 -26.40 12.13 7.60
N ILE B 191 -25.99 12.01 6.34
CA ILE B 191 -25.72 10.69 5.77
C ILE B 191 -24.31 10.28 6.17
N GLN B 192 -24.17 9.11 6.76
CA GLN B 192 -22.87 8.66 7.27
C GLN B 192 -22.00 8.14 6.14
N TYR B 193 -20.71 8.46 6.21
CA TYR B 193 -19.77 7.97 5.20
C TYR B 193 -18.39 7.87 5.80
N PHE B 194 -17.59 6.98 5.23
CA PHE B 194 -16.18 6.85 5.58
C PHE B 194 -15.41 7.08 4.28
N SER B 195 -14.87 8.29 4.14
CA SER B 195 -14.00 8.64 3.02
C SER B 195 -12.66 7.94 3.16
N MET B 196 -11.82 8.04 2.12
CA MET B 196 -10.47 7.48 2.20
C MET B 196 -9.71 8.04 3.40
N ARG B 197 -9.87 9.35 3.65
CA ARG B 197 -9.28 9.98 4.83
C ARG B 197 -9.71 9.28 6.12
N ASP B 198 -11.00 8.97 6.26
CA ASP B 198 -11.45 8.26 7.46
C ASP B 198 -10.85 6.88 7.54
N ILE B 199 -10.69 6.21 6.40
CA ILE B 199 -10.02 4.91 6.43
C ILE B 199 -8.56 5.09 6.86
N ASP B 200 -7.89 6.13 6.32
CA ASP B 200 -6.51 6.43 6.75
C ASP B 200 -6.42 6.60 8.27
N ARG B 201 -7.40 7.27 8.87
CA ARG B 201 -7.39 7.52 10.31
C ARG B 201 -7.76 6.29 11.11
N LEU B 202 -8.86 5.64 10.75
CA LEU B 202 -9.47 4.62 11.59
C LEU B 202 -8.95 3.22 11.32
N GLY B 203 -8.52 2.95 10.08
CA GLY B 203 -8.30 1.58 9.68
C GLY B 203 -9.59 0.90 9.23
N ILE B 204 -9.49 0.01 8.25
CA ILE B 204 -10.69 -0.59 7.68
C ILE B 204 -11.45 -1.46 8.69
N GLN B 205 -10.79 -2.00 9.72
CA GLN B 205 -11.52 -2.80 10.71
C GLN B 205 -12.54 -1.95 11.45
N LYS B 206 -12.11 -0.81 12.00
CA LYS B 206 -13.03 0.06 12.71
C LYS B 206 -14.09 0.64 11.78
N VAL B 207 -13.74 0.91 10.52
CA VAL B 207 -14.73 1.42 9.57
C VAL B 207 -15.89 0.44 9.43
N MET B 208 -15.58 -0.85 9.31
CA MET B 208 -16.64 -1.85 9.18
C MET B 208 -17.43 -1.98 10.48
N GLU B 209 -16.73 -1.93 11.63
CA GLU B 209 -17.42 -2.00 12.90
C GLU B 209 -18.44 -0.87 13.04
N ARG B 210 -18.01 0.35 12.75
CA ARG B 210 -18.92 1.49 12.84
C ARG B 210 -20.01 1.42 11.78
N THR B 211 -19.71 0.88 10.61
CA THR B 211 -20.74 0.75 9.59
C THR B 211 -21.89 -0.13 10.07
N PHE B 212 -21.55 -1.30 10.62
CA PHE B 212 -22.58 -2.24 11.05
C PHE B 212 -23.27 -1.77 12.33
N ASP B 213 -22.55 -1.08 13.20
CA ASP B 213 -23.22 -0.52 14.37
C ASP B 213 -24.24 0.54 13.95
N LEU B 214 -23.89 1.41 13.02
CA LEU B 214 -24.88 2.36 12.50
C LEU B 214 -26.08 1.67 11.86
N LEU B 215 -25.86 0.59 11.11
CA LEU B 215 -26.93 0.05 10.27
C LEU B 215 -27.71 -1.06 10.97
N ILE B 216 -27.01 -2.01 11.58
CA ILE B 216 -27.61 -3.19 12.19
C ILE B 216 -27.27 -3.28 13.67
N GLY B 217 -26.94 -2.14 14.29
CA GLY B 217 -26.62 -2.18 15.71
C GLY B 217 -27.81 -2.53 16.57
N LYS B 218 -29.01 -2.16 16.14
CA LYS B 218 -30.21 -2.40 16.95
C LYS B 218 -31.06 -3.55 16.44
N ARG B 219 -31.04 -3.86 15.15
CA ARG B 219 -31.84 -4.94 14.59
C ARG B 219 -31.16 -5.52 13.36
N GLN B 220 -31.45 -6.79 13.09
CA GLN B 220 -30.98 -7.46 11.90
C GLN B 220 -31.76 -6.98 10.69
N ARG B 221 -31.04 -6.70 9.60
CA ARG B 221 -31.64 -6.16 8.38
C ARG B 221 -30.93 -6.77 7.19
N PRO B 222 -31.64 -7.10 6.12
CA PRO B 222 -30.97 -7.57 4.90
C PRO B 222 -30.07 -6.47 4.36
N ILE B 223 -28.86 -6.84 3.95
CA ILE B 223 -27.84 -5.88 3.51
C ILE B 223 -27.82 -5.87 1.98
N HIS B 224 -27.82 -4.67 1.41
CA HIS B 224 -27.59 -4.45 -0.01
C HIS B 224 -26.20 -3.84 -0.16
N LEU B 225 -25.28 -4.59 -0.76
CA LEU B 225 -23.92 -4.13 -1.01
C LEU B 225 -23.83 -3.67 -2.46
N SER B 226 -23.74 -2.35 -2.66
CA SER B 226 -23.55 -1.79 -3.99
C SER B 226 -22.08 -1.42 -4.11
N PHE B 227 -21.33 -2.23 -4.88
CA PHE B 227 -19.87 -2.12 -4.94
C PHE B 227 -19.48 -1.64 -6.34
N ASP B 228 -19.01 -0.40 -6.39
CA ASP B 228 -18.46 0.19 -7.61
C ASP B 228 -16.97 -0.16 -7.66
N ILE B 229 -16.56 -0.85 -8.74
CA ILE B 229 -15.17 -1.30 -8.85
C ILE B 229 -14.19 -0.14 -8.68
N ASP B 230 -14.61 1.09 -9.02
CA ASP B 230 -13.68 2.22 -8.91
C ASP B 230 -13.46 2.65 -7.46
N ALA B 231 -14.05 1.96 -6.48
CA ALA B 231 -13.60 2.14 -5.11
C ALA B 231 -12.14 1.76 -4.96
N PHE B 232 -11.68 0.75 -5.70
CA PHE B 232 -10.29 0.33 -5.65
C PHE B 232 -9.38 1.36 -6.34
N ASP B 233 -8.14 1.43 -5.87
CA ASP B 233 -7.15 2.26 -6.53
C ASP B 233 -7.05 1.88 -8.03
N PRO B 234 -6.92 2.86 -8.92
CA PRO B 234 -6.83 2.54 -10.36
C PRO B 234 -5.65 1.65 -10.73
N THR B 235 -4.60 1.53 -9.90
CA THR B 235 -3.56 0.55 -10.22
C THR B 235 -4.10 -0.86 -10.13
N LEU B 236 -5.14 -1.07 -9.33
CA LEU B 236 -5.73 -2.40 -9.17
C LEU B 236 -6.95 -2.60 -10.05
N ALA B 237 -7.72 -1.54 -10.31
CA ALA B 237 -8.94 -1.65 -11.10
C ALA B 237 -8.91 -0.59 -12.20
N PRO B 238 -7.98 -0.73 -13.17
CA PRO B 238 -7.88 0.33 -14.19
C PRO B 238 -9.04 0.37 -15.16
N ALA B 239 -9.68 -0.77 -15.45
CA ALA B 239 -10.66 -0.83 -16.53
C ALA B 239 -12.02 -0.36 -16.00
N THR B 240 -12.15 0.96 -15.88
CA THR B 240 -13.34 1.57 -15.33
C THR B 240 -13.40 3.02 -15.80
N GLY B 241 -14.61 3.58 -15.84
CA GLY B 241 -14.84 4.85 -16.51
C GLY B 241 -14.41 6.12 -15.80
N THR B 242 -14.42 6.11 -14.45
N THR B 242 -14.43 6.13 -14.46
CA THR B 242 -14.09 7.31 -13.66
CA THR B 242 -14.06 7.32 -13.68
C THR B 242 -13.09 6.93 -12.56
C THR B 242 -13.10 6.94 -12.57
N PRO B 243 -11.86 6.61 -12.91
CA PRO B 243 -10.88 6.21 -11.90
C PRO B 243 -10.33 7.43 -11.16
N VAL B 244 -10.06 7.23 -9.87
CA VAL B 244 -9.53 8.29 -9.00
C VAL B 244 -8.38 7.71 -8.19
N VAL B 245 -7.21 8.35 -8.26
CA VAL B 245 -6.05 7.90 -7.47
C VAL B 245 -6.37 7.91 -5.97
N GLY B 246 -5.69 7.03 -5.24
CA GLY B 246 -5.79 6.99 -3.79
C GLY B 246 -6.90 6.10 -3.27
N GLY B 247 -7.09 4.91 -3.87
CA GLY B 247 -8.24 4.08 -3.61
C GLY B 247 -7.98 3.02 -2.55
N LEU B 248 -8.97 2.15 -2.36
CA LEU B 248 -8.79 0.99 -1.49
C LEU B 248 -7.63 0.13 -1.98
N THR B 249 -6.86 -0.42 -1.06
CA THR B 249 -5.96 -1.50 -1.44
C THR B 249 -6.76 -2.79 -1.69
N TYR B 250 -6.10 -3.78 -2.26
CA TYR B 250 -6.70 -5.08 -2.46
C TYR B 250 -7.15 -5.65 -1.13
N ARG B 251 -6.24 -5.63 -0.14
CA ARG B 251 -6.56 -6.17 1.16
C ARG B 251 -7.75 -5.45 1.79
N GLU B 252 -7.87 -4.14 1.59
CA GLU B 252 -9.00 -3.44 2.18
C GLU B 252 -10.31 -3.86 1.52
N GLY B 253 -10.31 -4.01 0.19
CA GLY B 253 -11.51 -4.49 -0.50
C GLY B 253 -11.93 -5.88 -0.04
N MET B 254 -10.96 -6.78 0.13
CA MET B 254 -11.29 -8.12 0.63
C MET B 254 -11.86 -8.03 2.05
N TYR B 255 -11.24 -7.22 2.90
CA TYR B 255 -11.70 -7.13 4.29
C TYR B 255 -13.13 -6.63 4.36
N ILE B 256 -13.48 -5.64 3.53
CA ILE B 256 -14.87 -5.18 3.48
C ILE B 256 -15.79 -6.33 3.14
N ALA B 257 -15.48 -7.05 2.05
CA ALA B 257 -16.33 -8.15 1.61
C ALA B 257 -16.40 -9.24 2.67
N GLU B 258 -15.27 -9.53 3.33
CA GLU B 258 -15.27 -10.53 4.38
C GLU B 258 -16.23 -10.16 5.50
N GLU B 259 -16.25 -8.88 5.91
CA GLU B 259 -17.12 -8.45 7.00
C GLU B 259 -18.58 -8.44 6.57
N ILE B 260 -18.85 -8.06 5.30
CA ILE B 260 -20.18 -8.25 4.74
C ILE B 260 -20.63 -9.71 4.88
N HIS B 261 -19.78 -10.65 4.46
CA HIS B 261 -20.14 -12.06 4.61
C HIS B 261 -20.38 -12.42 6.07
N ASN B 262 -19.50 -11.95 6.96
CA ASN B 262 -19.55 -12.35 8.35
C ASN B 262 -20.83 -11.91 9.05
N THR B 263 -21.51 -10.87 8.57
CA THR B 263 -22.79 -10.51 9.19
C THR B 263 -23.82 -11.60 9.01
N GLY B 264 -23.70 -12.42 7.97
CA GLY B 264 -24.77 -13.34 7.62
C GLY B 264 -25.97 -12.71 6.96
N LEU B 265 -25.93 -11.40 6.66
CA LEU B 265 -27.12 -10.69 6.22
C LEU B 265 -27.11 -10.28 4.74
N LEU B 266 -26.07 -10.63 3.99
CA LEU B 266 -25.98 -10.20 2.60
C LEU B 266 -27.17 -10.75 1.82
N SER B 267 -27.93 -9.86 1.21
CA SER B 267 -29.12 -10.26 0.50
C SER B 267 -29.09 -9.86 -0.96
N ALA B 268 -28.30 -8.86 -1.34
CA ALA B 268 -28.12 -8.45 -2.73
C ALA B 268 -26.78 -7.76 -2.88
N LEU B 269 -26.14 -7.96 -4.02
CA LEU B 269 -24.85 -7.36 -4.32
C LEU B 269 -24.83 -6.85 -5.75
N ASP B 270 -24.49 -5.57 -5.93
CA ASP B 270 -24.19 -5.00 -7.24
C ASP B 270 -22.68 -4.93 -7.42
N LEU B 271 -22.17 -5.42 -8.55
CA LEU B 271 -20.77 -5.21 -8.94
C LEU B 271 -20.78 -4.45 -10.26
N VAL B 272 -20.56 -3.14 -10.20
CA VAL B 272 -20.81 -2.28 -11.35
C VAL B 272 -19.52 -1.59 -11.80
N GLU B 273 -19.56 -1.06 -13.03
CA GLU B 273 -18.63 -0.11 -13.64
C GLU B 273 -17.33 -0.76 -14.14
N VAL B 274 -17.27 -2.08 -14.23
CA VAL B 274 -16.17 -2.73 -14.94
C VAL B 274 -16.38 -2.50 -16.43
N ASN B 275 -15.43 -1.84 -17.08
CA ASN B 275 -15.55 -1.50 -18.50
C ASN B 275 -14.28 -2.00 -19.18
N PRO B 276 -14.32 -3.22 -19.73
CA PRO B 276 -13.10 -3.82 -20.29
C PRO B 276 -12.48 -3.02 -21.42
N GLN B 277 -13.27 -2.25 -22.17
CA GLN B 277 -12.73 -1.49 -23.29
C GLN B 277 -11.87 -0.30 -22.88
N LEU B 278 -11.88 0.08 -21.60
CA LEU B 278 -11.01 1.17 -21.14
C LEU B 278 -9.67 0.69 -20.62
N ALA B 279 -9.45 -0.61 -20.57
CA ALA B 279 -8.13 -1.13 -20.28
C ALA B 279 -7.21 -0.87 -21.47
N THR B 280 -5.97 -0.45 -21.19
CA THR B 280 -5.01 -0.27 -22.28
C THR B 280 -4.39 -1.57 -22.74
N SER B 281 -4.69 -2.68 -22.06
CA SER B 281 -4.12 -3.97 -22.38
C SER B 281 -5.09 -5.05 -21.93
N GLU B 282 -4.98 -6.22 -22.55
CA GLU B 282 -5.77 -7.35 -22.12
C GLU B 282 -5.52 -7.67 -20.65
N GLU B 283 -4.27 -7.50 -20.20
CA GLU B 283 -3.96 -7.83 -18.82
C GLU B 283 -4.63 -6.85 -17.85
N GLU B 284 -4.73 -5.57 -18.23
CA GLU B 284 -5.46 -4.62 -17.41
C GLU B 284 -6.95 -5.00 -17.29
N ALA B 285 -7.55 -5.45 -18.40
CA ALA B 285 -8.97 -5.84 -18.37
C ALA B 285 -9.17 -7.03 -17.46
N LYS B 286 -8.32 -8.04 -17.60
CA LYS B 286 -8.49 -9.28 -16.85
C LYS B 286 -8.20 -9.09 -15.37
N THR B 287 -7.20 -8.27 -14.98
CA THR B 287 -7.00 -8.05 -13.55
CA THR B 287 -7.00 -8.04 -13.55
C THR B 287 -8.21 -7.33 -12.96
N THR B 288 -8.82 -6.42 -13.72
CA THR B 288 -10.02 -5.74 -13.23
C THR B 288 -11.17 -6.72 -13.07
N ALA B 289 -11.36 -7.60 -14.06
CA ALA B 289 -12.41 -8.62 -13.99
C ALA B 289 -12.13 -9.60 -12.86
N ASN B 290 -10.88 -10.02 -12.70
CA ASN B 290 -10.54 -10.95 -11.63
C ASN B 290 -10.78 -10.34 -10.26
N LEU B 291 -10.47 -9.05 -10.10
CA LEU B 291 -10.75 -8.36 -8.83
C LEU B 291 -12.23 -8.36 -8.53
N ALA B 292 -13.07 -8.11 -9.54
CA ALA B 292 -14.52 -8.18 -9.37
C ALA B 292 -14.95 -9.54 -8.84
N VAL B 293 -14.38 -10.62 -9.39
CA VAL B 293 -14.74 -11.95 -8.91
C VAL B 293 -14.31 -12.15 -7.46
N ASP B 294 -13.10 -11.70 -7.11
CA ASP B 294 -12.63 -11.81 -5.72
C ASP B 294 -13.58 -11.10 -4.75
N VAL B 295 -14.11 -9.95 -5.13
CA VAL B 295 -15.02 -9.22 -4.25
C VAL B 295 -16.28 -10.03 -4.01
N ILE B 296 -16.88 -10.52 -5.10
CA ILE B 296 -18.13 -11.27 -5.00
C ILE B 296 -17.92 -12.54 -4.20
N ALA B 297 -16.83 -13.25 -4.49
CA ALA B 297 -16.53 -14.50 -3.80
C ALA B 297 -16.31 -14.27 -2.31
N SER B 298 -15.52 -13.24 -1.96
CA SER B 298 -15.32 -12.93 -0.55
CA SER B 298 -15.31 -12.92 -0.55
C SER B 298 -16.62 -12.50 0.12
N SER B 299 -17.51 -11.86 -0.63
CA SER B 299 -18.79 -11.44 -0.06
C SER B 299 -19.69 -12.63 0.27
N PHE B 300 -19.44 -13.80 -0.35
CA PHE B 300 -20.21 -15.00 -0.08
C PHE B 300 -19.37 -16.09 0.58
N GLY B 301 -18.25 -15.72 1.20
CA GLY B 301 -17.61 -16.60 2.17
C GLY B 301 -16.20 -17.02 1.86
N GLN B 302 -15.66 -16.66 0.70
CA GLN B 302 -14.25 -16.99 0.46
C GLN B 302 -13.39 -16.24 1.47
N THR B 303 -12.51 -16.97 2.14
CA THR B 303 -11.63 -16.39 3.16
C THR B 303 -10.18 -16.47 2.71
N ARG B 304 -9.33 -15.80 3.47
CA ARG B 304 -7.91 -15.82 3.23
C ARG B 304 -7.19 -16.82 4.10
N GLU B 305 -7.88 -17.55 4.97
CA GLU B 305 -7.19 -18.56 5.77
C GLU B 305 -7.73 -19.96 5.55
N GLY B 306 -8.59 -20.17 4.55
CA GLY B 306 -9.04 -21.50 4.17
C GLY B 306 -10.14 -22.16 5.01
N HIS C 1 29.79 -10.32 15.99
CA HIS C 1 28.85 -11.42 15.75
C HIS C 1 29.18 -12.14 14.45
N SER C 2 28.93 -13.44 14.42
CA SER C 2 29.38 -14.30 13.33
C SER C 2 28.19 -14.93 12.62
N VAL C 3 28.20 -14.86 11.29
CA VAL C 3 27.10 -15.33 10.45
C VAL C 3 27.68 -16.26 9.42
N ALA C 4 27.11 -17.45 9.31
CA ALA C 4 27.46 -18.40 8.25
C ALA C 4 26.40 -18.30 7.16
N VAL C 5 26.85 -18.30 5.90
CA VAL C 5 25.94 -18.25 4.76
C VAL C 5 26.06 -19.57 4.02
N ILE C 6 24.92 -20.22 3.79
CA ILE C 6 24.88 -21.53 3.17
C ILE C 6 23.93 -21.45 1.99
N GLY C 7 24.48 -21.63 0.79
CA GLY C 7 23.63 -21.79 -0.39
C GLY C 7 23.12 -23.22 -0.44
N ALA C 8 21.81 -23.37 -0.64
CA ALA C 8 21.18 -24.69 -0.69
C ALA C 8 20.39 -24.72 -1.99
N PRO C 9 21.07 -24.88 -3.14
CA PRO C 9 20.40 -24.83 -4.45
C PRO C 9 19.60 -26.09 -4.72
N PHE C 10 18.43 -26.18 -4.10
CA PHE C 10 17.56 -27.34 -4.17
CA PHE C 10 17.57 -27.34 -4.20
C PHE C 10 16.23 -26.96 -4.83
N SER C 11 15.73 -27.84 -5.70
CA SER C 11 14.48 -27.64 -6.43
C SER C 11 13.52 -28.81 -6.39
N GLN C 12 13.94 -29.95 -5.84
CA GLN C 12 13.13 -31.15 -5.96
C GLN C 12 12.00 -31.21 -4.92
N GLY C 13 11.92 -30.24 -4.02
CA GLY C 13 10.71 -30.08 -3.22
C GLY C 13 9.50 -29.61 -3.99
N GLN C 14 9.63 -29.33 -5.28
CA GLN C 14 8.52 -28.90 -6.12
C GLN C 14 8.89 -29.18 -7.57
N LYS C 15 8.07 -28.69 -8.50
CA LYS C 15 8.16 -29.11 -9.90
C LYS C 15 8.64 -28.03 -10.86
N ARG C 16 8.74 -26.78 -10.46
CA ARG C 16 9.13 -25.72 -11.37
C ARG C 16 10.65 -25.60 -11.43
N LYS C 17 11.16 -25.44 -12.64
CA LYS C 17 12.59 -25.29 -12.83
C LYS C 17 13.04 -23.88 -12.44
N GLY C 18 14.16 -23.81 -11.73
CA GLY C 18 14.93 -22.58 -11.62
C GLY C 18 15.17 -22.10 -10.20
N VAL C 19 14.41 -22.59 -9.22
CA VAL C 19 14.60 -22.14 -7.84
C VAL C 19 15.98 -22.53 -7.31
N GLU C 20 16.61 -23.55 -7.90
CA GLU C 20 17.99 -23.86 -7.54
C GLU C 20 18.94 -22.71 -7.85
N HIS C 21 18.51 -21.72 -8.62
CA HIS C 21 19.39 -20.59 -8.87
C HIS C 21 19.14 -19.42 -7.93
N GLY C 22 18.22 -19.56 -6.97
CA GLY C 22 18.00 -18.55 -5.95
C GLY C 22 19.25 -18.11 -5.19
N PRO C 23 20.04 -19.07 -4.69
CA PRO C 23 21.24 -18.65 -3.93
C PRO C 23 22.19 -17.77 -4.73
N ALA C 24 22.45 -18.10 -6.00
CA ALA C 24 23.33 -17.28 -6.80
C ALA C 24 22.72 -15.90 -7.07
N ALA C 25 21.41 -15.84 -7.31
CA ALA C 25 20.77 -14.55 -7.53
C ALA C 25 20.86 -13.66 -6.29
N ILE C 26 20.63 -14.25 -5.11
CA ILE C 26 20.69 -13.47 -3.89
C ILE C 26 22.11 -12.98 -3.67
N ARG C 27 23.10 -13.84 -3.89
CA ARG C 27 24.50 -13.42 -3.78
C ARG C 27 24.80 -12.29 -4.77
N GLU C 28 24.38 -12.46 -6.02
CA GLU C 28 24.62 -11.44 -7.04
C GLU C 28 23.99 -10.10 -6.66
N ALA C 29 22.93 -10.10 -5.84
CA ALA C 29 22.33 -8.85 -5.38
C ALA C 29 23.08 -8.20 -4.19
N GLY C 30 24.29 -8.65 -3.88
CA GLY C 30 25.09 -7.93 -2.89
C GLY C 30 25.02 -8.42 -1.46
N LEU C 31 24.56 -9.66 -1.20
CA LEU C 31 24.31 -10.10 0.18
C LEU C 31 25.55 -9.96 1.05
N MET C 32 26.69 -10.47 0.59
CA MET C 32 27.86 -10.56 1.47
C MET C 32 28.36 -9.18 1.86
N LYS C 33 28.41 -8.25 0.92
CA LYS C 33 28.83 -6.88 1.26
CA LYS C 33 28.83 -6.88 1.26
C LYS C 33 27.87 -6.24 2.25
N ARG C 34 26.56 -6.45 2.06
CA ARG C 34 25.57 -5.89 2.98
C ARG C 34 25.75 -6.45 4.39
N LEU C 35 25.94 -7.76 4.51
CA LEU C 35 26.16 -8.33 5.84
C LEU C 35 27.46 -7.83 6.47
N SER C 36 28.54 -7.75 5.68
CA SER C 36 29.80 -7.24 6.20
CA SER C 36 29.81 -7.25 6.19
C SER C 36 29.65 -5.82 6.72
N SER C 37 28.97 -4.97 5.93
CA SER C 37 28.76 -3.58 6.30
C SER C 37 28.08 -3.44 7.66
N LEU C 38 27.28 -4.43 8.05
CA LEU C 38 26.65 -4.38 9.37
C LEU C 38 27.58 -4.82 10.48
N GLY C 39 28.83 -5.14 10.18
CA GLY C 39 29.74 -5.69 11.17
C GLY C 39 29.70 -7.20 11.33
N CYS C 40 28.94 -7.92 10.50
CA CYS C 40 28.91 -9.37 10.57
C CYS C 40 30.26 -9.93 10.11
N HIS C 41 30.83 -10.81 10.95
CA HIS C 41 31.94 -11.66 10.55
C HIS C 41 31.37 -12.87 9.81
N LEU C 42 31.83 -13.08 8.59
CA LEU C 42 31.16 -13.97 7.66
C LEU C 42 31.99 -15.22 7.38
N LYS C 43 31.31 -16.37 7.38
CA LYS C 43 31.85 -17.61 6.86
C LYS C 43 30.94 -18.06 5.74
N ASP C 44 31.46 -18.06 4.51
CA ASP C 44 30.72 -18.51 3.34
C ASP C 44 31.01 -19.99 3.13
N PHE C 45 29.97 -20.82 3.27
CA PHE C 45 30.08 -22.25 2.98
C PHE C 45 29.88 -22.54 1.50
N GLY C 46 29.73 -21.52 0.65
CA GLY C 46 29.44 -21.75 -0.75
C GLY C 46 28.04 -22.34 -0.93
N ASP C 47 27.81 -22.84 -2.14
CA ASP C 47 26.59 -23.57 -2.46
C ASP C 47 26.86 -25.06 -2.33
N LEU C 48 26.11 -25.72 -1.45
CA LEU C 48 26.28 -27.15 -1.28
C LEU C 48 25.92 -27.88 -2.57
N SER C 49 26.59 -29.02 -2.79
CA SER C 49 26.21 -29.94 -3.86
C SER C 49 25.63 -31.18 -3.18
N PHE C 50 24.34 -31.40 -3.36
CA PHE C 50 23.64 -32.48 -2.68
C PHE C 50 23.77 -33.79 -3.44
N THR C 51 23.94 -34.87 -2.71
CA THR C 51 24.11 -36.20 -3.30
C THR C 51 22.83 -36.66 -3.98
N PRO C 52 22.85 -36.98 -5.27
CA PRO C 52 21.62 -37.46 -5.93
C PRO C 52 21.28 -38.86 -5.45
N VAL C 53 20.04 -39.25 -5.73
CA VAL C 53 19.55 -40.59 -5.42
C VAL C 53 19.08 -41.22 -6.73
N PRO C 54 19.62 -42.36 -7.13
CA PRO C 54 19.17 -42.99 -8.38
C PRO C 54 17.75 -43.51 -8.24
N LYS C 55 17.00 -43.44 -9.34
CA LYS C 55 15.63 -43.99 -9.44
C LYS C 55 14.78 -43.62 -8.22
N ASP C 56 14.71 -42.30 -7.96
CA ASP C 56 13.93 -41.79 -6.85
C ASP C 56 12.46 -41.72 -7.29
N ASP C 57 11.82 -42.90 -7.31
CA ASP C 57 10.44 -43.03 -7.78
C ASP C 57 9.48 -42.33 -6.83
N LEU C 58 8.35 -41.87 -7.39
CA LEU C 58 7.27 -41.31 -6.60
C LEU C 58 6.95 -42.22 -5.41
N TYR C 59 6.57 -41.60 -4.31
CA TYR C 59 6.06 -42.33 -3.16
C TYR C 59 4.54 -42.32 -3.22
N ASN C 60 3.94 -43.51 -3.11
CA ASN C 60 2.49 -43.67 -3.16
C ASN C 60 1.88 -43.04 -4.40
N ASN C 61 2.61 -43.11 -5.51
CA ASN C 61 2.16 -42.56 -6.79
C ASN C 61 1.70 -41.10 -6.64
N LEU C 62 2.36 -40.35 -5.77
CA LEU C 62 2.01 -38.95 -5.59
C LEU C 62 3.19 -38.08 -5.20
N ILE C 63 3.97 -38.50 -4.20
CA ILE C 63 4.96 -37.62 -3.60
C ILE C 63 6.25 -37.70 -4.41
N VAL C 64 6.74 -36.54 -4.83
CA VAL C 64 7.78 -36.46 -5.83
C VAL C 64 9.13 -36.29 -5.15
N ASN C 65 10.15 -36.99 -5.66
CA ASN C 65 11.54 -36.93 -5.21
C ASN C 65 11.75 -37.14 -3.71
N PRO C 66 11.05 -38.08 -3.07
CA PRO C 66 11.14 -38.17 -1.59
C PRO C 66 12.55 -38.46 -1.08
N ARG C 67 13.27 -39.37 -1.74
CA ARG C 67 14.60 -39.74 -1.26
C ARG C 67 15.59 -38.61 -1.48
N SER C 68 15.46 -37.91 -2.60
CA SER C 68 16.33 -36.78 -2.88
C SER C 68 16.12 -35.68 -1.85
N VAL C 69 14.86 -35.43 -1.48
CA VAL C 69 14.57 -34.38 -0.50
C VAL C 69 15.02 -34.84 0.90
N GLY C 70 14.77 -36.10 1.24
CA GLY C 70 15.26 -36.62 2.51
C GLY C 70 16.76 -36.53 2.63
N LEU C 71 17.49 -36.91 1.58
CA LEU C 71 18.94 -36.95 1.69
C LEU C 71 19.56 -35.56 1.65
N ALA C 72 19.09 -34.69 0.76
CA ALA C 72 19.60 -33.33 0.76
C ALA C 72 19.38 -32.67 2.11
N ASN C 73 18.21 -32.87 2.71
CA ASN C 73 17.94 -32.26 4.01
C ASN C 73 18.81 -32.86 5.10
N GLN C 74 19.14 -34.15 5.02
CA GLN C 74 20.06 -34.74 6.00
C GLN C 74 21.43 -34.08 5.91
N GLU C 75 21.93 -33.91 4.68
CA GLU C 75 23.23 -33.28 4.50
C GLU C 75 23.20 -31.82 4.92
N LEU C 76 22.16 -31.07 4.52
CA LEU C 76 22.02 -29.69 4.97
C LEU C 76 21.97 -29.61 6.50
N ALA C 77 21.20 -30.49 7.13
CA ALA C 77 21.09 -30.49 8.58
C ALA C 77 22.46 -30.64 9.23
N GLU C 78 23.31 -31.48 8.63
CA GLU C 78 24.66 -31.67 9.16
C GLU C 78 25.47 -30.38 9.10
N VAL C 79 25.36 -29.65 7.99
CA VAL C 79 26.11 -28.40 7.85
C VAL C 79 25.56 -27.35 8.81
N VAL C 80 24.23 -27.28 8.96
CA VAL C 80 23.64 -26.27 9.84
C VAL C 80 24.02 -26.55 11.30
N SER C 81 23.85 -27.80 11.73
CA SER C 81 24.25 -28.22 13.07
C SER C 81 25.69 -27.85 13.37
N ARG C 82 26.61 -28.18 12.46
CA ARG C 82 28.02 -27.90 12.74
C ARG C 82 28.28 -26.39 12.77
N ALA C 83 27.62 -25.61 11.91
CA ALA C 83 27.83 -24.17 11.90
C ALA C 83 27.26 -23.53 13.17
N VAL C 84 26.07 -23.96 13.60
CA VAL C 84 25.51 -23.43 14.84
C VAL C 84 26.37 -23.85 16.03
N SER C 85 26.93 -25.06 15.97
CA SER C 85 27.88 -25.50 17.00
C SER C 85 29.05 -24.56 17.12
N ASP C 86 29.61 -24.13 15.98
CA ASP C 86 30.82 -23.32 15.95
C ASP C 86 30.55 -21.85 16.23
N GLY C 87 29.34 -21.49 16.65
CA GLY C 87 29.03 -20.12 17.04
C GLY C 87 28.37 -19.24 16.00
N TYR C 88 27.95 -19.78 14.86
CA TYR C 88 27.38 -18.96 13.79
C TYR C 88 25.85 -18.91 13.87
N SER C 89 25.33 -17.71 13.67
CA SER C 89 23.99 -17.55 13.12
C SER C 89 24.03 -18.03 11.69
N CYS C 90 23.09 -18.88 11.36
CA CYS C 90 23.06 -19.58 10.08
CA CYS C 90 23.05 -19.57 10.06
C CYS C 90 22.04 -18.96 9.11
N VAL C 91 22.53 -18.38 8.02
CA VAL C 91 21.68 -17.93 6.94
C VAL C 91 21.71 -18.99 5.85
N THR C 92 20.55 -19.57 5.52
CA THR C 92 20.46 -20.55 4.44
C THR C 92 19.66 -19.96 3.30
N LEU C 93 20.25 -19.95 2.11
CA LEU C 93 19.59 -19.44 0.91
C LEU C 93 19.07 -20.62 0.09
N GLY C 94 17.79 -20.58 -0.27
CA GLY C 94 17.20 -21.58 -1.14
C GLY C 94 17.04 -21.06 -2.55
N GLY C 95 16.52 -21.93 -3.42
CA GLY C 95 16.04 -23.25 -3.06
C GLY C 95 14.62 -23.25 -2.53
N ASP C 96 13.89 -24.36 -2.71
CA ASP C 96 12.49 -24.43 -2.29
C ASP C 96 12.39 -24.69 -0.79
N HIS C 97 11.19 -24.44 -0.24
CA HIS C 97 11.01 -24.46 1.21
C HIS C 97 11.10 -25.85 1.86
N SER C 98 11.18 -26.95 1.10
CA SER C 98 11.42 -28.24 1.75
C SER C 98 12.75 -28.26 2.51
N LEU C 99 13.68 -27.36 2.20
N LEU C 99 13.67 -27.35 2.19
CA LEU C 99 14.95 -27.33 2.92
CA LEU C 99 14.94 -27.27 2.89
C LEU C 99 14.79 -26.90 4.37
C LEU C 99 14.79 -26.89 4.36
N ALA C 100 13.64 -26.36 4.77
CA ALA C 100 13.42 -26.04 6.18
C ALA C 100 13.42 -27.30 7.04
N ILE C 101 13.07 -28.46 6.46
CA ILE C 101 13.26 -29.71 7.18
C ILE C 101 14.69 -29.80 7.68
N GLY C 102 15.65 -29.53 6.78
CA GLY C 102 17.05 -29.66 7.13
C GLY C 102 17.57 -28.57 8.05
N THR C 103 17.18 -27.30 7.80
CA THR C 103 17.77 -26.24 8.62
C THR C 103 17.21 -26.26 10.03
N ILE C 104 15.92 -26.60 10.19
CA ILE C 104 15.35 -26.62 11.53
C ILE C 104 15.80 -27.85 12.30
N SER C 105 15.94 -29.00 11.63
CA SER C 105 16.51 -30.19 12.28
C SER C 105 17.94 -29.93 12.76
N GLY C 106 18.78 -29.39 11.88
CA GLY C 106 20.15 -29.12 12.26
C GLY C 106 20.25 -28.09 13.38
N HIS C 107 19.41 -27.05 13.29
CA HIS C 107 19.35 -26.01 14.32
C HIS C 107 18.91 -26.61 15.65
N ALA C 108 17.84 -27.41 15.64
CA ALA C 108 17.28 -27.94 16.88
C ALA C 108 18.22 -28.93 17.55
N ARG C 109 19.06 -29.58 16.76
CA ARG C 109 20.06 -30.50 17.29
C ARG C 109 20.86 -29.84 18.42
N HIS C 110 21.25 -28.59 18.24
CA HIS C 110 22.04 -27.89 19.25
C HIS C 110 21.22 -26.90 20.07
N CYS C 111 20.05 -26.48 19.59
CA CYS C 111 19.21 -25.54 20.31
C CYS C 111 17.80 -26.12 20.38
N PRO C 112 17.58 -27.12 21.23
CA PRO C 112 16.28 -27.81 21.23
C PRO C 112 15.12 -26.96 21.72
N ASP C 113 15.38 -25.88 22.45
CA ASP C 113 14.32 -24.97 22.86
C ASP C 113 14.07 -23.87 21.82
N LEU C 114 14.54 -24.04 20.58
CA LEU C 114 14.34 -22.99 19.59
C LEU C 114 12.84 -22.81 19.30
N CYS C 115 12.48 -21.59 18.89
CA CYS C 115 11.14 -21.34 18.39
C CYS C 115 11.26 -20.89 16.94
N VAL C 116 10.12 -20.92 16.23
CA VAL C 116 10.11 -20.75 14.78
C VAL C 116 9.11 -19.67 14.38
N VAL C 117 9.59 -18.68 13.64
CA VAL C 117 8.72 -17.70 13.00
C VAL C 117 8.70 -18.01 11.50
N TRP C 118 7.52 -18.37 10.99
CA TRP C 118 7.33 -18.86 9.63
C TRP C 118 6.57 -17.79 8.84
N VAL C 119 7.27 -17.06 7.98
CA VAL C 119 6.68 -15.94 7.24
C VAL C 119 6.43 -16.38 5.81
N ASP C 120 5.16 -16.38 5.40
CA ASP C 120 4.78 -17.17 4.23
C ASP C 120 3.33 -16.88 3.86
N ALA C 121 3.04 -16.90 2.55
CA ALA C 121 1.64 -16.91 2.12
C ALA C 121 0.96 -18.23 2.41
N HIS C 122 1.72 -19.28 2.68
CA HIS C 122 1.25 -20.66 2.80
C HIS C 122 1.67 -21.26 4.12
N ALA C 123 0.92 -22.27 4.57
CA ALA C 123 1.18 -22.92 5.84
C ALA C 123 2.21 -24.04 5.76
N ASP C 124 2.42 -24.65 4.58
CA ASP C 124 3.51 -25.60 4.39
C ASP C 124 3.38 -26.80 5.33
N ILE C 125 2.14 -27.14 5.68
CA ILE C 125 1.88 -28.10 6.76
C ILE C 125 0.95 -29.21 6.28
N ASN C 126 0.82 -29.39 4.97
CA ASN C 126 0.19 -30.61 4.48
C ASN C 126 1.03 -31.78 4.92
N THR C 127 0.40 -32.95 5.05
CA THR C 127 1.11 -34.18 5.30
C THR C 127 1.13 -35.03 4.04
N PRO C 128 1.94 -36.09 4.02
CA PRO C 128 1.90 -37.01 2.88
C PRO C 128 0.50 -37.51 2.59
N LEU C 129 -0.39 -37.46 3.58
CA LEU C 129 -1.77 -37.90 3.41
C LEU C 129 -2.74 -36.77 3.05
N THR C 130 -2.36 -35.50 3.21
CA THR C 130 -3.28 -34.44 2.82
C THR C 130 -2.83 -33.64 1.60
N THR C 131 -1.57 -33.71 1.22
CA THR C 131 -1.12 -32.94 0.07
C THR C 131 -1.90 -33.33 -1.18
N SER C 132 -2.28 -32.33 -1.97
CA SER C 132 -2.91 -32.59 -3.25
C SER C 132 -1.99 -32.32 -4.42
N SER C 133 -0.80 -31.79 -4.16
CA SER C 133 0.20 -31.52 -5.17
C SER C 133 1.29 -32.59 -5.22
N GLY C 134 1.61 -33.22 -4.10
CA GLY C 134 2.72 -34.14 -4.03
C GLY C 134 4.05 -33.47 -3.82
N ASN C 135 4.07 -32.15 -3.69
CA ASN C 135 5.32 -31.38 -3.61
C ASN C 135 5.69 -31.17 -2.14
N LEU C 136 6.89 -31.65 -1.77
CA LEU C 136 7.30 -31.60 -0.38
C LEU C 136 7.51 -30.18 0.15
N HIS C 137 7.70 -29.17 -0.71
CA HIS C 137 7.86 -27.81 -0.18
C HIS C 137 6.59 -27.29 0.48
N GLY C 138 5.46 -27.97 0.31
CA GLY C 138 4.21 -27.64 0.96
C GLY C 138 3.89 -28.55 2.12
N GLN C 139 4.85 -29.37 2.56
CA GLN C 139 4.69 -30.26 3.71
C GLN C 139 5.76 -30.14 4.81
N PRO C 140 6.77 -29.27 4.73
CA PRO C 140 7.90 -29.42 5.67
C PRO C 140 7.51 -29.31 7.13
N VAL C 141 6.51 -28.49 7.48
CA VAL C 141 6.20 -28.33 8.89
C VAL C 141 5.63 -29.61 9.49
N SER C 142 4.90 -30.40 8.68
CA SER C 142 4.29 -31.62 9.19
C SER C 142 5.32 -32.60 9.72
N PHE C 143 6.51 -32.64 9.12
CA PHE C 143 7.59 -33.49 9.59
C PHE C 143 8.28 -32.97 10.84
N LEU C 144 8.05 -31.71 11.21
CA LEU C 144 8.82 -31.10 12.30
C LEU C 144 8.08 -31.02 13.62
N LEU C 145 6.74 -31.10 13.62
CA LEU C 145 5.94 -30.86 14.82
C LEU C 145 5.67 -32.17 15.56
N ARG C 146 6.04 -32.20 16.85
CA ARG C 146 5.87 -33.41 17.66
CA ARG C 146 5.86 -33.40 17.67
C ARG C 146 4.43 -33.92 17.61
N GLU C 147 3.45 -33.02 17.77
CA GLU C 147 2.08 -33.43 17.96
C GLU C 147 1.48 -34.12 16.75
N LEU C 148 2.09 -33.98 15.57
CA LEU C 148 1.49 -34.50 14.35
C LEU C 148 2.02 -35.87 13.96
N GLN C 149 3.01 -36.39 14.68
CA GLN C 149 3.82 -37.49 14.14
CA GLN C 149 3.79 -37.47 14.10
C GLN C 149 3.02 -38.76 13.93
N ASP C 150 1.94 -38.95 14.66
CA ASP C 150 1.14 -40.16 14.45
C ASP C 150 0.28 -40.08 13.20
N LYS C 151 0.21 -38.92 12.56
CA LYS C 151 -0.53 -38.77 11.31
C LYS C 151 0.38 -38.57 10.09
N VAL C 152 1.70 -38.67 10.26
CA VAL C 152 2.65 -38.48 9.17
C VAL C 152 3.33 -39.84 8.90
N PRO C 153 2.97 -40.54 7.82
CA PRO C 153 3.63 -41.80 7.51
C PRO C 153 5.11 -41.57 7.17
N GLN C 154 5.89 -42.64 7.27
CA GLN C 154 7.33 -42.55 7.04
C GLN C 154 7.63 -42.70 5.56
N LEU C 155 8.35 -41.73 5.00
CA LEU C 155 8.74 -41.65 3.61
C LEU C 155 10.12 -42.26 3.40
N PRO C 156 10.38 -42.86 2.24
CA PRO C 156 11.74 -43.29 1.93
C PRO C 156 12.69 -42.11 1.97
N GLY C 157 13.80 -42.27 2.67
CA GLY C 157 14.78 -41.22 2.85
C GLY C 157 14.53 -40.30 4.02
N PHE C 158 13.44 -40.50 4.77
CA PHE C 158 13.09 -39.61 5.87
C PHE C 158 13.30 -40.21 7.25
N SER C 159 13.86 -41.42 7.36
CA SER C 159 13.88 -42.09 8.66
C SER C 159 14.80 -41.40 9.66
N TRP C 160 15.80 -40.65 9.19
CA TRP C 160 16.65 -39.89 10.11
C TRP C 160 15.90 -38.76 10.82
N ILE C 161 14.76 -38.33 10.30
CA ILE C 161 14.07 -37.14 10.80
C ILE C 161 13.30 -37.52 12.06
N LYS C 162 13.60 -36.83 13.16
CA LYS C 162 12.78 -36.89 14.37
C LYS C 162 12.27 -35.49 14.69
N PRO C 163 10.95 -35.29 14.68
CA PRO C 163 10.36 -33.98 15.01
C PRO C 163 10.85 -33.44 16.34
N CYS C 164 11.31 -32.19 16.32
CA CYS C 164 11.88 -31.59 17.52
C CYS C 164 11.11 -30.38 18.03
N ILE C 165 10.02 -29.99 17.39
CA ILE C 165 9.32 -28.75 17.70
C ILE C 165 7.89 -29.07 18.15
N SER C 166 7.44 -28.40 19.20
CA SER C 166 6.05 -28.46 19.58
CA SER C 166 6.05 -28.44 19.60
C SER C 166 5.23 -27.45 18.77
N SER C 167 3.96 -27.79 18.55
CA SER C 167 3.06 -26.92 17.81
C SER C 167 2.87 -25.57 18.50
N ALA C 168 3.18 -25.49 19.79
CA ALA C 168 3.15 -24.22 20.50
C ALA C 168 4.34 -23.34 20.15
N SER C 169 5.36 -23.87 19.48
CA SER C 169 6.62 -23.17 19.29
C SER C 169 6.83 -22.63 17.88
N ILE C 170 5.80 -22.61 17.05
CA ILE C 170 5.85 -21.99 15.73
C ILE C 170 4.69 -21.00 15.60
N VAL C 171 4.98 -19.81 15.06
CA VAL C 171 3.96 -18.82 14.71
C VAL C 171 4.09 -18.49 13.23
N TYR C 172 2.97 -18.45 12.52
CA TYR C 172 2.93 -18.05 11.12
C TYR C 172 2.54 -16.59 11.00
N ILE C 173 3.12 -15.92 9.99
CA ILE C 173 2.76 -14.56 9.65
C ILE C 173 2.61 -14.48 8.13
N GLY C 174 1.43 -14.09 7.67
CA GLY C 174 1.20 -13.75 6.27
C GLY C 174 0.29 -14.68 5.52
N LEU C 175 -0.30 -15.67 6.17
CA LEU C 175 -1.07 -16.70 5.49
C LEU C 175 -2.17 -16.09 4.65
N ARG C 176 -2.32 -16.61 3.45
CA ARG C 176 -3.47 -16.26 2.63
C ARG C 176 -3.86 -17.34 1.63
N ASP C 177 -3.17 -18.49 1.58
CA ASP C 177 -3.48 -19.53 0.60
C ASP C 177 -3.28 -20.87 1.31
N VAL C 178 -4.30 -21.26 2.07
CA VAL C 178 -4.27 -22.42 2.95
C VAL C 178 -5.24 -23.47 2.40
N ASP C 179 -4.77 -24.74 2.29
CA ASP C 179 -5.69 -25.81 1.90
C ASP C 179 -6.58 -26.19 3.09
N PRO C 180 -7.80 -26.66 2.84
CA PRO C 180 -8.72 -27.04 3.93
C PRO C 180 -8.06 -28.00 4.93
N PRO C 181 -7.39 -29.07 4.49
CA PRO C 181 -6.77 -29.93 5.50
C PRO C 181 -5.70 -29.23 6.31
N GLU C 182 -5.02 -28.22 5.74
CA GLU C 182 -4.07 -27.44 6.52
C GLU C 182 -4.80 -26.59 7.56
N HIS C 183 -5.89 -25.94 7.16
CA HIS C 183 -6.68 -25.16 8.10
C HIS C 183 -7.14 -26.04 9.27
N PHE C 184 -7.63 -27.24 8.95
CA PHE C 184 -8.04 -28.19 9.98
C PHE C 184 -6.88 -28.48 10.93
N ILE C 185 -5.70 -28.72 10.39
CA ILE C 185 -4.53 -29.00 11.24
C ILE C 185 -4.21 -27.82 12.14
N LEU C 186 -4.23 -26.60 11.60
CA LEU C 186 -3.90 -25.43 12.41
C LEU C 186 -4.88 -25.27 13.57
N LYS C 187 -6.18 -25.40 13.28
CA LYS C 187 -7.20 -25.25 14.32
C LYS C 187 -7.14 -26.40 15.31
N ASN C 188 -7.00 -27.64 14.81
CA ASN C 188 -7.08 -28.82 15.66
C ASN C 188 -5.88 -28.93 16.60
N TYR C 189 -4.70 -28.47 16.17
CA TYR C 189 -3.53 -28.48 17.04
C TYR C 189 -3.27 -27.11 17.65
N ASP C 190 -4.19 -26.17 17.48
CA ASP C 190 -4.11 -24.84 18.10
C ASP C 190 -2.80 -24.15 17.75
N ILE C 191 -2.38 -24.26 16.50
CA ILE C 191 -1.19 -23.57 16.03
C ILE C 191 -1.52 -22.10 15.76
N GLN C 192 -0.76 -21.19 16.36
CA GLN C 192 -1.03 -19.76 16.25
C GLN C 192 -0.54 -19.20 14.91
N TYR C 193 -1.36 -18.37 14.30
CA TYR C 193 -0.99 -17.74 13.03
C TYR C 193 -1.62 -16.37 12.93
N PHE C 194 -0.98 -15.51 12.14
CA PHE C 194 -1.52 -14.20 11.79
C PHE C 194 -1.63 -14.16 10.27
N SER C 195 -2.85 -14.33 9.78
CA SER C 195 -3.09 -14.26 8.34
C SER C 195 -3.00 -12.81 7.88
N MET C 196 -3.05 -12.61 6.56
CA MET C 196 -3.12 -11.24 6.04
C MET C 196 -4.31 -10.50 6.64
N ARG C 197 -5.42 -11.22 6.87
CA ARG C 197 -6.60 -10.62 7.49
C ARG C 197 -6.28 -10.11 8.89
N ASP C 198 -5.58 -10.92 9.69
CA ASP C 198 -5.14 -10.47 11.01
C ASP C 198 -4.25 -9.24 10.92
N ILE C 199 -3.37 -9.20 9.90
CA ILE C 199 -2.51 -8.03 9.77
C ILE C 199 -3.34 -6.81 9.41
N ASP C 200 -4.38 -6.99 8.56
CA ASP C 200 -5.23 -5.86 8.23
C ASP C 200 -5.91 -5.30 9.47
N ARG C 201 -6.20 -6.17 10.44
CA ARG C 201 -6.92 -5.78 11.65
C ARG C 201 -5.97 -5.21 12.69
N LEU C 202 -4.91 -5.94 13.04
CA LEU C 202 -4.04 -5.55 14.14
C LEU C 202 -2.96 -4.56 13.75
N GLY C 203 -2.53 -4.56 12.49
CA GLY C 203 -1.30 -3.86 12.14
C GLY C 203 -0.08 -4.70 12.48
N ILE C 204 0.99 -4.57 11.68
CA ILE C 204 2.15 -5.44 11.86
C ILE C 204 2.87 -5.21 13.19
N GLN C 205 2.72 -4.03 13.82
CA GLN C 205 3.40 -3.86 15.11
C GLN C 205 2.76 -4.74 16.17
N LYS C 206 1.42 -4.76 16.23
CA LYS C 206 0.77 -5.65 17.17
C LYS C 206 1.05 -7.12 16.84
N VAL C 207 1.07 -7.47 15.54
CA VAL C 207 1.31 -8.85 15.15
C VAL C 207 2.66 -9.33 15.68
N MET C 208 3.68 -8.48 15.60
CA MET C 208 5.00 -8.88 16.09
C MET C 208 5.02 -8.96 17.62
N GLU C 209 4.39 -7.98 18.28
CA GLU C 209 4.31 -8.01 19.73
C GLU C 209 3.67 -9.31 20.21
N ARG C 210 2.53 -9.68 19.61
CA ARG C 210 1.88 -10.91 20.03
C ARG C 210 2.69 -12.14 19.65
N THR C 211 3.36 -12.11 18.49
CA THR C 211 4.20 -13.24 18.10
C THR C 211 5.23 -13.53 19.17
N PHE C 212 5.94 -12.50 19.63
CA PHE C 212 6.98 -12.74 20.60
C PHE C 212 6.43 -13.03 21.99
N ASP C 213 5.27 -12.49 22.33
CA ASP C 213 4.65 -12.88 23.59
C ASP C 213 4.33 -14.36 23.61
N LEU C 214 3.84 -14.90 22.49
CA LEU C 214 3.57 -16.33 22.40
C LEU C 214 4.84 -17.16 22.52
N LEU C 215 5.93 -16.69 21.93
CA LEU C 215 7.11 -17.53 21.78
C LEU C 215 8.12 -17.32 22.89
N ILE C 216 8.37 -16.07 23.29
CA ILE C 216 9.43 -15.78 24.23
C ILE C 216 8.95 -14.90 25.39
N GLY C 217 7.64 -14.84 25.60
CA GLY C 217 7.13 -14.08 26.72
C GLY C 217 7.50 -14.65 28.08
N LYS C 218 7.71 -15.97 28.16
CA LYS C 218 8.12 -16.62 29.40
C LYS C 218 9.63 -16.71 29.55
N ARG C 219 10.35 -16.93 28.44
CA ARG C 219 11.77 -17.21 28.53
C ARG C 219 12.41 -16.85 27.20
N GLN C 220 13.68 -16.47 27.26
CA GLN C 220 14.46 -16.27 26.04
C GLN C 220 14.69 -17.61 25.35
N ARG C 221 14.53 -17.62 24.03
CA ARG C 221 14.75 -18.81 23.22
C ARG C 221 15.42 -18.39 21.92
N PRO C 222 16.32 -19.22 21.37
CA PRO C 222 16.84 -18.94 20.02
C PRO C 222 15.72 -18.97 18.99
N ILE C 223 15.76 -18.02 18.06
CA ILE C 223 14.72 -17.84 17.08
C ILE C 223 15.19 -18.38 15.74
N HIS C 224 14.36 -19.19 15.11
CA HIS C 224 14.56 -19.62 13.73
C HIS C 224 13.52 -18.89 12.87
N LEU C 225 13.99 -18.01 11.97
CA LEU C 225 13.13 -17.27 11.05
C LEU C 225 13.17 -17.96 9.69
N SER C 226 12.07 -18.57 9.29
CA SER C 226 11.96 -19.22 7.99
C SER C 226 11.10 -18.33 7.09
N PHE C 227 11.73 -17.65 6.14
CA PHE C 227 11.07 -16.59 5.37
C PHE C 227 10.92 -17.04 3.93
N ASP C 228 9.66 -17.27 3.52
CA ASP C 228 9.32 -17.56 2.14
C ASP C 228 9.05 -16.23 1.43
N ILE C 229 9.82 -15.95 0.37
CA ILE C 229 9.73 -14.66 -0.30
C ILE C 229 8.33 -14.41 -0.83
N ASP C 230 7.56 -15.47 -1.10
CA ASP C 230 6.17 -15.27 -1.54
C ASP C 230 5.25 -14.75 -0.44
N ALA C 231 5.73 -14.60 0.80
CA ALA C 231 4.96 -13.82 1.77
C ALA C 231 4.69 -12.40 1.25
N PHE C 232 5.64 -11.83 0.51
CA PHE C 232 5.46 -10.50 -0.07
C PHE C 232 4.45 -10.53 -1.20
N ASP C 233 3.75 -9.42 -1.36
CA ASP C 233 2.87 -9.28 -2.51
C ASP C 233 3.62 -9.58 -3.81
N PRO C 234 2.99 -10.24 -4.79
CA PRO C 234 3.68 -10.53 -6.07
C PRO C 234 4.17 -9.30 -6.82
N THR C 235 3.61 -8.11 -6.58
CA THR C 235 4.14 -6.94 -7.27
C THR C 235 5.57 -6.66 -6.84
N LEU C 236 5.92 -7.03 -5.61
CA LEU C 236 7.24 -6.85 -5.03
C LEU C 236 8.15 -8.05 -5.22
N ALA C 237 7.59 -9.27 -5.19
CA ALA C 237 8.39 -10.49 -5.25
C ALA C 237 7.83 -11.37 -6.35
N PRO C 238 7.90 -10.93 -7.62
CA PRO C 238 7.29 -11.72 -8.70
C PRO C 238 8.03 -13.01 -9.04
N ALA C 239 9.34 -13.09 -8.78
CA ALA C 239 10.12 -14.24 -9.25
C ALA C 239 10.06 -15.35 -8.21
N THR C 240 8.95 -16.09 -8.22
CA THR C 240 8.70 -17.12 -7.20
C THR C 240 7.61 -18.06 -7.71
N GLY C 241 7.57 -19.26 -7.13
CA GLY C 241 6.82 -20.36 -7.74
C GLY C 241 5.31 -20.30 -7.56
N THR C 242 4.83 -19.88 -6.39
CA THR C 242 3.41 -19.84 -6.08
CA THR C 242 3.41 -19.84 -6.08
C THR C 242 3.02 -18.47 -5.55
N PRO C 243 3.02 -17.45 -6.41
CA PRO C 243 2.63 -16.10 -5.94
C PRO C 243 1.15 -16.03 -5.63
N VAL C 244 0.81 -15.20 -4.63
CA VAL C 244 -0.59 -15.00 -4.22
C VAL C 244 -0.83 -13.52 -3.97
N VAL C 245 -1.79 -12.93 -4.68
CA VAL C 245 -2.14 -11.52 -4.54
C VAL C 245 -2.44 -11.15 -3.09
N GLY C 246 -2.16 -9.90 -2.71
CA GLY C 246 -2.56 -9.37 -1.41
C GLY C 246 -1.62 -9.72 -0.27
N GLY C 247 -0.32 -9.59 -0.50
CA GLY C 247 0.68 -10.01 0.47
C GLY C 247 1.23 -8.87 1.30
N LEU C 248 2.36 -9.15 1.96
CA LEU C 248 3.02 -8.11 2.74
C LEU C 248 3.47 -6.97 1.83
N THR C 249 3.41 -5.75 2.35
CA THR C 249 4.10 -4.64 1.71
C THR C 249 5.60 -4.73 2.01
N TYR C 250 6.38 -3.95 1.26
CA TYR C 250 7.80 -3.79 1.57
C TYR C 250 8.01 -3.37 3.03
N ARG C 251 7.28 -2.34 3.45
CA ARG C 251 7.48 -1.81 4.81
C ARG C 251 7.14 -2.86 5.86
N GLU C 252 6.07 -3.64 5.62
CA GLU C 252 5.71 -4.68 6.59
C GLU C 252 6.80 -5.74 6.70
N GLY C 253 7.36 -6.16 5.57
CA GLY C 253 8.43 -7.15 5.63
C GLY C 253 9.67 -6.64 6.33
N MET C 254 10.06 -5.39 6.06
CA MET C 254 11.19 -4.80 6.80
C MET C 254 10.88 -4.77 8.29
N TYR C 255 9.65 -4.40 8.63
CA TYR C 255 9.28 -4.27 10.04
C TYR C 255 9.39 -5.62 10.74
N ILE C 256 8.90 -6.68 10.10
CA ILE C 256 9.05 -8.02 10.67
C ILE C 256 10.51 -8.30 10.95
N ALA C 257 11.36 -8.06 9.95
CA ALA C 257 12.77 -8.39 10.10
C ALA C 257 13.43 -7.52 11.17
N GLU C 258 13.11 -6.22 11.20
CA GLU C 258 13.63 -5.33 12.25
C GLU C 258 13.25 -5.84 13.63
N GLU C 259 12.02 -6.31 13.80
CA GLU C 259 11.61 -6.81 15.11
C GLU C 259 12.32 -8.11 15.46
N ILE C 260 12.53 -8.99 14.48
CA ILE C 260 13.36 -10.18 14.69
C ILE C 260 14.73 -9.76 15.22
N HIS C 261 15.37 -8.82 14.53
CA HIS C 261 16.69 -8.38 14.96
C HIS C 261 16.64 -7.81 16.37
N ASN C 262 15.59 -7.04 16.67
CA ASN C 262 15.52 -6.33 17.94
C ASN C 262 15.40 -7.27 19.13
N THR C 263 14.96 -8.53 18.95
CA THR C 263 14.96 -9.48 20.06
C THR C 263 16.36 -9.83 20.53
N GLY C 264 17.36 -9.70 19.66
CA GLY C 264 18.67 -10.21 19.98
C GLY C 264 18.80 -11.71 19.97
N LEU C 265 17.76 -12.43 19.56
CA LEU C 265 17.73 -13.89 19.67
C LEU C 265 17.81 -14.63 18.34
N LEU C 266 17.96 -13.93 17.21
CA LEU C 266 18.00 -14.60 15.92
C LEU C 266 19.20 -15.55 15.85
N SER C 267 18.93 -16.82 15.58
CA SER C 267 19.96 -17.84 15.57
C SER C 267 20.12 -18.51 14.21
N ALA C 268 19.05 -18.59 13.40
CA ALA C 268 19.12 -19.08 12.04
C ALA C 268 17.98 -18.47 11.23
N LEU C 269 18.25 -18.30 9.93
CA LEU C 269 17.31 -17.69 9.00
C LEU C 269 17.34 -18.45 7.69
N ASP C 270 16.17 -18.80 7.15
CA ASP C 270 16.03 -19.30 5.78
C ASP C 270 15.42 -18.22 4.91
N LEU C 271 15.95 -18.06 3.70
CA LEU C 271 15.37 -17.17 2.70
C LEU C 271 15.13 -18.04 1.46
N VAL C 272 13.89 -18.48 1.27
CA VAL C 272 13.61 -19.53 0.30
C VAL C 272 12.66 -19.03 -0.78
N GLU C 273 12.64 -19.80 -1.89
CA GLU C 273 11.68 -19.74 -2.98
C GLU C 273 11.90 -18.57 -3.94
N VAL C 274 13.07 -17.94 -3.95
CA VAL C 274 13.42 -17.04 -5.05
C VAL C 274 13.78 -17.89 -6.27
N ASN C 275 13.00 -17.74 -7.35
CA ASN C 275 13.20 -18.48 -8.61
C ASN C 275 13.35 -17.42 -9.69
N PRO C 276 14.57 -17.04 -10.02
CA PRO C 276 14.76 -15.97 -11.03
C PRO C 276 14.21 -16.31 -12.40
N GLN C 277 14.12 -17.61 -12.74
CA GLN C 277 13.63 -18.02 -14.05
C GLN C 277 12.15 -17.72 -14.26
N LEU C 278 11.37 -17.56 -13.20
CA LEU C 278 9.97 -17.23 -13.37
C LEU C 278 9.72 -15.74 -13.56
N ALA C 279 10.77 -14.92 -13.47
CA ALA C 279 10.63 -13.51 -13.79
C ALA C 279 10.37 -13.34 -15.29
N THR C 280 9.48 -12.43 -15.65
CA THR C 280 9.28 -12.13 -17.07
C THR C 280 10.27 -11.09 -17.57
N SER C 281 11.10 -10.53 -16.70
CA SER C 281 12.15 -9.62 -17.10
C SER C 281 13.30 -9.74 -16.12
N GLU C 282 14.49 -9.33 -16.58
CA GLU C 282 15.65 -9.22 -15.71
C GLU C 282 15.37 -8.32 -14.51
N GLU C 283 14.63 -7.23 -14.73
CA GLU C 283 14.32 -6.32 -13.64
C GLU C 283 13.50 -7.01 -12.56
N GLU C 284 12.48 -7.77 -12.97
CA GLU C 284 11.69 -8.54 -12.04
C GLU C 284 12.55 -9.52 -11.22
N ALA C 285 13.52 -10.16 -11.88
CA ALA C 285 14.40 -11.07 -11.17
C ALA C 285 15.27 -10.32 -10.17
N LYS C 286 15.81 -9.17 -10.55
CA LYS C 286 16.70 -8.42 -9.66
C LYS C 286 15.93 -7.78 -8.50
N THR C 287 14.74 -7.27 -8.76
CA THR C 287 14.01 -6.67 -7.65
CA THR C 287 13.99 -6.67 -7.65
C THR C 287 13.63 -7.73 -6.62
N THR C 288 13.36 -8.97 -7.06
CA THR C 288 13.08 -10.04 -6.11
C THR C 288 14.34 -10.39 -5.30
N ALA C 289 15.48 -10.52 -5.99
CA ALA C 289 16.72 -10.82 -5.31
C ALA C 289 17.13 -9.70 -4.36
N ASN C 290 16.93 -8.44 -4.78
CA ASN C 290 17.24 -7.30 -3.92
C ASN C 290 16.37 -7.29 -2.68
N LEU C 291 15.08 -7.65 -2.83
CA LEU C 291 14.19 -7.72 -1.68
C LEU C 291 14.62 -8.83 -0.72
N ALA C 292 15.01 -9.98 -1.26
CA ALA C 292 15.60 -11.02 -0.41
C ALA C 292 16.78 -10.48 0.41
N VAL C 293 17.67 -9.72 -0.22
CA VAL C 293 18.83 -9.19 0.51
C VAL C 293 18.39 -8.21 1.60
N ASP C 294 17.41 -7.34 1.29
CA ASP C 294 16.85 -6.44 2.29
C ASP C 294 16.30 -7.17 3.51
N VAL C 295 15.60 -8.29 3.29
CA VAL C 295 15.07 -9.06 4.43
C VAL C 295 16.21 -9.54 5.32
N ILE C 296 17.19 -10.21 4.72
CA ILE C 296 18.31 -10.77 5.48
C ILE C 296 19.07 -9.68 6.21
N ALA C 297 19.37 -8.59 5.50
CA ALA C 297 20.13 -7.49 6.10
C ALA C 297 19.38 -6.89 7.28
N SER C 298 18.07 -6.66 7.11
CA SER C 298 17.29 -6.09 8.19
CA SER C 298 17.30 -6.08 8.20
C SER C 298 17.19 -7.05 9.38
N SER C 299 17.15 -8.35 9.10
CA SER C 299 17.12 -9.34 10.17
C SER C 299 18.41 -9.31 11.00
N PHE C 300 19.51 -8.78 10.46
CA PHE C 300 20.78 -8.70 11.19
C PHE C 300 21.18 -7.28 11.52
N GLY C 301 20.25 -6.32 11.47
CA GLY C 301 20.47 -5.01 12.05
C GLY C 301 20.36 -3.83 11.11
N GLN C 302 20.19 -4.02 9.80
CA GLN C 302 19.99 -2.85 8.96
C GLN C 302 18.70 -2.13 9.36
N THR C 303 18.81 -0.83 9.57
CA THR C 303 17.69 -0.02 10.03
C THR C 303 17.25 0.93 8.93
N ARG C 304 16.06 1.49 9.10
CA ARG C 304 15.64 2.54 8.19
C ARG C 304 16.00 3.93 8.70
N GLU C 305 16.55 4.07 9.90
CA GLU C 305 16.96 5.38 10.36
C GLU C 305 18.47 5.57 10.45
N GLY C 306 19.26 4.59 10.03
CA GLY C 306 20.71 4.76 10.01
C GLY C 306 21.43 4.87 11.36
#